data_2V5S
#
_entry.id   2V5S
#
_cell.length_a   99.770
_cell.length_b   166.842
_cell.length_c   125.610
_cell.angle_alpha   90.00
_cell.angle_beta   90.00
_cell.angle_gamma   90.00
#
_symmetry.space_group_name_H-M   'C 2 2 21'
#
loop_
_entity.id
_entity.type
_entity.pdbx_description
1 polymer DSCAM
2 branched 2-acetamido-2-deoxy-beta-D-glucopyranose-(1-4)-2-acetamido-2-deoxy-beta-D-glucopyranose
3 water water
#
_entity_poly.entity_id   1
_entity_poly.type   'polypeptide(L)'
_entity_poly.pdbx_seq_one_letter_code
;AYFQGDQKGPVFLKEPTNRIDFSNSTGAEIECKASGNPMPEIIWIRSDGTAVGDVPGLRQISSDGKLVFPPFRAEDYRQE
VHAQVYACLARNQFGSIISRDVHVRAVVAQYYEADVNKEHVIRGNSAVIKCLIPSFVADFVEVVSWHTDEEENYFPGAEY
DGKYLVLPSGELHIREVGPEDGYKSYQCRTKHRLTGETRLSATKGRLVITEPISSSAPRTPALVQKPLELMVAHTISLLC
PAQGFPAPSFRWYKFIEGTTRKQAVVLNDRVKQVSGTLIIKDAVVEDSGKYLCVVNNSVGGESVETVLTVTAPLSAKIDP
PTQTVDFGRPAVFTCQYTGNPIKTVSWMKDGKAIGHSESVLRIESVKKEDKGMYQCFVRNDRESAEASAELKLG
;
_entity_poly.pdbx_strand_id   A,B
#
loop_
_chem_comp.id
_chem_comp.type
_chem_comp.name
_chem_comp.formula
NAG D-saccharide, beta linking 2-acetamido-2-deoxy-beta-D-glucopyranose 'C8 H15 N O6'
#
# COMPACT_ATOMS: atom_id res chain seq x y z
N GLN A 7 56.48 5.22 2.82
CA GLN A 7 55.40 5.26 1.82
C GLN A 7 54.05 4.92 2.49
N LYS A 8 53.04 5.74 2.22
CA LYS A 8 51.68 5.49 2.68
C LYS A 8 50.69 5.66 1.51
N GLY A 9 49.72 4.76 1.44
CA GLY A 9 48.66 4.81 0.42
C GLY A 9 47.70 5.94 0.71
N PRO A 10 46.81 6.24 -0.25
CA PRO A 10 45.83 7.31 -0.07
C PRO A 10 44.78 6.97 0.97
N VAL A 11 44.22 8.00 1.59
CA VAL A 11 43.11 7.93 2.53
C VAL A 11 42.26 9.19 2.33
N PHE A 12 40.92 9.09 2.29
CA PHE A 12 40.08 10.27 2.17
C PHE A 12 40.04 11.05 3.47
N LEU A 13 40.20 12.37 3.36
CA LEU A 13 40.02 13.25 4.51
C LEU A 13 38.63 13.89 4.47
N LYS A 14 38.15 14.21 3.28
CA LYS A 14 36.78 14.66 3.07
C LYS A 14 36.19 13.92 1.86
N GLU A 15 35.22 13.05 2.15
CA GLU A 15 34.44 12.42 1.08
C GLU A 15 33.30 13.34 0.71
N PRO A 16 33.05 13.45 -0.59
CA PRO A 16 31.85 14.18 -1.02
C PRO A 16 30.60 13.54 -0.42
N THR A 17 29.59 14.34 -0.07
CA THR A 17 28.32 13.74 0.33
C THR A 17 27.64 12.91 -0.75
N ASN A 18 26.58 12.21 -0.37
CA ASN A 18 25.97 11.21 -1.24
C ASN A 18 25.05 11.74 -2.35
N ARG A 19 24.28 12.77 -1.98
CA ARG A 19 23.29 13.45 -2.83
C ARG A 19 23.56 14.95 -2.69
N ILE A 20 23.77 15.57 -3.84
CA ILE A 20 23.82 17.03 -3.90
C ILE A 20 22.80 17.47 -4.96
N ASP A 21 21.74 18.12 -4.49
CA ASP A 21 20.67 18.71 -5.29
C ASP A 21 20.75 20.23 -5.21
N PHE A 22 20.60 20.86 -6.37
CA PHE A 22 20.78 22.30 -6.44
C PHE A 22 20.05 22.96 -7.61
N SER A 23 19.71 24.22 -7.40
CA SER A 23 19.08 25.02 -8.44
C SER A 23 20.11 25.40 -9.49
N ASN A 24 19.67 25.66 -10.72
CA ASN A 24 20.53 26.16 -11.79
C ASN A 24 21.04 27.57 -11.50
N SER A 25 20.35 28.33 -10.63
CA SER A 25 20.82 29.65 -10.21
C SER A 25 21.86 29.69 -9.09
N THR A 26 22.05 28.54 -8.44
CA THR A 26 22.91 28.37 -7.28
C THR A 26 24.21 27.66 -7.60
N GLY A 27 24.14 26.61 -8.42
CA GLY A 27 25.33 25.84 -8.78
C GLY A 27 25.80 25.04 -7.58
N ALA A 28 26.96 24.38 -7.67
CA ALA A 28 27.39 23.42 -6.66
C ALA A 28 28.91 23.22 -6.57
N GLU A 29 29.51 23.42 -5.40
CA GLU A 29 30.91 23.06 -5.22
C GLU A 29 30.91 21.73 -4.48
N ILE A 30 31.63 20.74 -4.99
CA ILE A 30 31.88 19.49 -4.28
C ILE A 30 33.36 19.20 -4.02
N GLU A 31 33.75 19.15 -2.75
CA GLU A 31 35.17 19.03 -2.38
C GLU A 31 35.54 17.59 -2.04
N CYS A 32 36.64 17.10 -2.62
CA CYS A 32 37.26 15.83 -2.24
C CYS A 32 38.71 16.00 -1.79
N LYS A 33 38.99 15.67 -0.52
CA LYS A 33 40.32 15.79 0.06
C LYS A 33 40.88 14.44 0.49
N ALA A 34 42.14 14.18 0.12
CA ALA A 34 42.86 12.94 0.40
C ALA A 34 44.31 13.19 0.83
N SER A 35 44.83 12.27 1.64
CA SER A 35 46.19 12.29 2.14
C SER A 35 46.88 11.00 1.76
N GLY A 36 48.21 11.02 1.78
CA GLY A 36 48.99 9.82 1.52
C GLY A 36 50.43 10.29 1.53
N ASN A 37 51.39 9.36 1.47
CA ASN A 37 52.79 9.74 1.29
C ASN A 37 53.41 8.79 0.28
N PRO A 38 53.63 9.25 -0.97
CA PRO A 38 53.39 10.61 -1.46
C PRO A 38 51.94 11.05 -1.43
N MET A 39 51.74 12.36 -1.50
CA MET A 39 50.42 12.94 -1.43
C MET A 39 49.73 12.63 -2.76
N PRO A 40 48.48 12.14 -2.70
CA PRO A 40 47.84 11.58 -3.90
C PRO A 40 47.26 12.62 -4.84
N GLU A 41 47.01 12.18 -6.07
CA GLU A 41 46.30 12.95 -7.08
C GLU A 41 44.80 12.65 -6.92
N ILE A 42 43.97 13.68 -7.08
CA ILE A 42 42.52 13.52 -7.14
C ILE A 42 42.02 13.51 -8.59
N ILE A 43 41.14 12.56 -8.90
CA ILE A 43 40.56 12.41 -10.25
C ILE A 43 39.05 12.27 -10.07
N TRP A 44 38.22 12.93 -10.85
CA TRP A 44 36.80 12.69 -10.85
C TRP A 44 36.44 11.71 -11.95
N ILE A 45 35.55 10.76 -11.62
CA ILE A 45 35.03 9.82 -12.59
C ILE A 45 33.50 9.79 -12.60
N ARG A 46 32.93 9.52 -13.78
CA ARG A 46 31.56 9.01 -13.87
C ARG A 46 31.53 7.61 -13.26
N SER A 47 30.46 7.28 -12.55
CA SER A 47 30.31 5.87 -12.16
C SER A 47 29.77 4.99 -13.31
N ASP A 48 30.21 5.28 -14.54
CA ASP A 48 30.59 4.27 -15.52
C ASP A 48 32.09 3.99 -15.66
N GLY A 49 32.91 4.58 -14.78
CA GLY A 49 34.35 4.30 -14.71
C GLY A 49 35.31 5.36 -15.26
N THR A 50 34.74 6.30 -16.00
CA THR A 50 35.44 7.20 -16.92
C THR A 50 35.71 8.56 -16.26
N ALA A 51 36.96 9.01 -16.32
CA ALA A 51 37.38 10.29 -15.72
C ALA A 51 36.67 11.44 -16.42
N VAL A 52 36.28 12.48 -15.68
CA VAL A 52 35.37 13.45 -16.26
C VAL A 52 36.04 14.69 -16.80
N GLY A 53 35.60 15.06 -18.00
CA GLY A 53 36.00 16.26 -18.72
C GLY A 53 35.44 17.54 -18.11
N ASP A 54 35.80 18.68 -18.70
CA ASP A 54 35.34 19.97 -18.22
C ASP A 54 34.41 20.30 -19.33
N VAL A 55 33.28 20.87 -18.90
CA VAL A 55 32.30 21.46 -19.79
C VAL A 55 32.34 22.92 -19.38
N PRO A 56 32.97 23.74 -20.22
CA PRO A 56 32.99 25.17 -19.97
C PRO A 56 31.61 25.68 -19.62
N GLY A 57 31.51 26.36 -18.49
CA GLY A 57 30.26 26.96 -18.08
C GLY A 57 29.44 26.07 -17.18
N LEU A 58 29.74 24.78 -17.16
CA LEU A 58 28.87 23.77 -16.56
C LEU A 58 29.49 22.92 -15.46
N ARG A 59 30.74 22.54 -15.66
CA ARG A 59 31.50 21.66 -14.78
C ARG A 59 32.97 21.92 -15.05
N GLN A 60 33.69 22.20 -13.97
CA GLN A 60 35.09 22.58 -14.02
C GLN A 60 35.77 21.92 -12.82
N ILE A 61 36.70 21.01 -13.09
CA ILE A 61 37.40 20.33 -12.01
C ILE A 61 38.42 21.37 -11.57
N SER A 62 38.55 21.59 -10.26
CA SER A 62 39.41 22.65 -9.78
C SER A 62 40.34 22.21 -8.66
N SER A 63 40.80 23.16 -7.85
CA SER A 63 42.06 23.01 -7.13
C SER A 63 41.80 22.93 -5.61
N ASP A 64 42.08 21.81 -4.94
CA ASP A 64 42.64 20.59 -5.51
C ASP A 64 41.64 19.46 -5.27
N GLY A 65 40.40 19.78 -4.93
CA GLY A 65 39.33 18.78 -4.90
C GLY A 65 38.98 18.50 -6.34
N LYS A 66 38.30 19.43 -7.00
CA LYS A 66 37.17 20.15 -6.40
C LYS A 66 36.18 20.32 -7.55
N LEU A 67 35.01 19.70 -7.48
CA LEU A 67 34.15 19.63 -8.64
C LEU A 67 33.13 20.74 -8.51
N VAL A 68 33.18 21.72 -9.42
CA VAL A 68 32.31 22.89 -9.37
C VAL A 68 31.26 22.89 -10.46
N PHE A 69 30.02 23.18 -10.09
CA PHE A 69 28.99 23.38 -11.10
C PHE A 69 28.57 24.82 -10.98
N PRO A 70 28.94 25.67 -11.96
CA PRO A 70 28.48 27.05 -11.90
C PRO A 70 27.00 27.21 -12.20
N PRO A 71 26.38 28.31 -11.75
CA PRO A 71 25.01 28.55 -12.15
C PRO A 71 24.96 28.61 -13.66
N PHE A 72 23.88 28.11 -14.26
CA PHE A 72 23.75 28.06 -15.71
C PHE A 72 22.33 28.46 -16.09
N ARG A 73 22.14 28.84 -17.34
CA ARG A 73 20.83 29.11 -17.95
C ARG A 73 20.09 27.82 -18.29
N ALA A 74 18.76 27.92 -18.26
CA ALA A 74 17.87 26.83 -18.61
C ALA A 74 18.38 26.10 -19.84
N GLU A 75 18.80 26.90 -20.81
CA GLU A 75 19.06 26.51 -22.18
C GLU A 75 20.32 25.67 -22.26
N ASP A 76 21.18 25.75 -21.24
CA ASP A 76 22.45 25.04 -21.20
C ASP A 76 22.37 23.82 -20.30
N TYR A 77 21.18 23.47 -19.84
CA TYR A 77 21.06 22.24 -19.07
C TYR A 77 21.53 21.06 -19.92
N ARG A 78 22.27 20.13 -19.31
CA ARG A 78 22.68 18.91 -20.00
C ARG A 78 22.62 17.72 -19.05
N GLN A 79 21.72 16.78 -19.29
CA GLN A 79 21.53 15.56 -18.51
C GLN A 79 22.88 14.89 -18.22
N GLU A 80 23.64 14.61 -19.27
CA GLU A 80 24.95 14.00 -19.09
C GLU A 80 25.84 14.65 -18.02
N VAL A 81 25.75 15.96 -17.78
CA VAL A 81 26.53 16.61 -16.75
C VAL A 81 25.75 16.78 -15.46
N HIS A 82 24.50 17.18 -15.62
CA HIS A 82 23.64 17.62 -14.55
C HIS A 82 22.75 16.57 -13.87
N ALA A 83 22.50 15.43 -14.49
CA ALA A 83 21.80 14.28 -13.92
C ALA A 83 22.76 13.08 -13.99
N GLN A 84 23.55 12.91 -12.94
CA GLN A 84 24.75 12.09 -13.04
C GLN A 84 25.22 11.58 -11.70
N VAL A 85 25.72 10.35 -11.65
CA VAL A 85 26.40 9.84 -10.45
C VAL A 85 27.93 9.89 -10.60
N TYR A 86 28.61 10.64 -9.73
CA TYR A 86 30.05 10.75 -9.77
C TYR A 86 30.72 10.15 -8.55
N ALA A 87 32.03 9.97 -8.69
CA ALA A 87 32.87 9.51 -7.58
C ALA A 87 34.25 10.16 -7.70
N CYS A 88 34.93 10.16 -6.57
CA CYS A 88 36.25 10.76 -6.44
C CYS A 88 37.30 9.65 -6.29
N LEU A 89 38.41 9.78 -7.02
CA LEU A 89 39.47 8.78 -7.05
C LEU A 89 40.78 9.47 -6.65
N ALA A 90 41.38 9.06 -5.54
CA ALA A 90 42.68 9.53 -5.06
C ALA A 90 43.72 8.45 -5.33
N ARG A 91 44.79 8.80 -6.05
CA ARG A 91 45.76 7.83 -6.54
C ARG A 91 47.22 8.23 -6.26
N ASN A 92 48.05 7.26 -5.91
CA ASN A 92 49.47 7.50 -5.80
C ASN A 92 50.23 6.24 -6.21
N GLN A 93 51.55 6.26 -6.12
CA GLN A 93 52.31 5.13 -6.62
C GLN A 93 51.82 3.86 -5.95
N PHE A 94 51.38 3.97 -4.70
CA PHE A 94 51.05 2.77 -3.94
C PHE A 94 49.72 2.16 -4.37
N GLY A 95 48.70 2.99 -4.52
CA GLY A 95 47.40 2.51 -4.97
C GLY A 95 46.40 3.63 -5.08
N SER A 96 45.18 3.24 -5.47
CA SER A 96 43.99 4.07 -5.65
C SER A 96 42.87 3.69 -4.66
N ILE A 97 42.09 4.69 -4.28
CA ILE A 97 40.82 4.47 -3.58
C ILE A 97 39.70 5.24 -4.28
N ILE A 98 38.47 4.71 -4.33
CA ILE A 98 37.31 5.50 -4.77
C ILE A 98 36.43 6.01 -3.64
N SER A 99 35.90 7.22 -3.71
CA SER A 99 34.95 7.60 -2.66
C SER A 99 33.62 6.91 -2.97
N ARG A 100 32.72 7.00 -2.02
CA ARG A 100 31.33 6.71 -2.30
C ARG A 100 30.87 7.53 -3.48
N ASP A 101 29.77 7.06 -4.06
CA ASP A 101 29.02 7.78 -5.09
C ASP A 101 28.49 9.12 -4.62
N VAL A 102 28.47 10.05 -5.58
CA VAL A 102 27.94 11.38 -5.35
C VAL A 102 26.90 11.58 -6.44
N HIS A 103 25.63 11.52 -6.07
CA HIS A 103 24.59 11.71 -7.07
C HIS A 103 24.26 13.18 -7.24
N VAL A 104 24.46 13.68 -8.45
CA VAL A 104 24.37 15.10 -8.71
C VAL A 104 23.03 15.28 -9.45
N ARG A 105 22.18 16.17 -8.94
CA ARG A 105 20.93 16.56 -9.58
C ARG A 105 20.86 18.08 -9.65
N ALA A 106 21.01 18.66 -10.83
CA ALA A 106 20.77 20.09 -11.03
C ALA A 106 19.32 20.23 -11.47
N VAL A 107 18.61 21.19 -10.90
CA VAL A 107 17.19 21.44 -11.20
C VAL A 107 17.02 22.88 -11.68
N VAL A 108 16.55 22.98 -12.92
CA VAL A 108 16.05 24.21 -13.50
C VAL A 108 14.72 24.53 -12.84
N ALA A 109 14.80 25.68 -12.17
CA ALA A 109 13.75 26.33 -11.40
C ALA A 109 12.55 26.55 -12.29
N GLN A 110 11.43 25.94 -11.90
CA GLN A 110 10.19 25.95 -12.65
C GLN A 110 8.97 26.06 -11.73
N TYR A 111 8.03 26.90 -12.12
CA TYR A 111 6.68 26.93 -11.64
C TYR A 111 5.99 25.62 -11.32
N TYR A 112 5.34 25.55 -10.18
CA TYR A 112 4.44 24.46 -9.84
C TYR A 112 3.31 25.05 -9.01
N GLU A 113 2.40 24.22 -8.54
CA GLU A 113 1.28 24.72 -7.74
C GLU A 113 0.71 23.48 -7.09
N ALA A 114 0.53 23.63 -5.78
CA ALA A 114 -0.08 22.70 -4.86
C ALA A 114 -1.58 23.01 -4.81
N ASP A 115 -2.46 22.07 -4.68
CA ASP A 115 -3.91 22.13 -4.63
C ASP A 115 -4.37 21.54 -3.30
N VAL A 116 -5.41 21.97 -2.82
CA VAL A 116 -6.18 21.40 -1.71
C VAL A 116 -7.58 21.09 -2.29
N ASN A 117 -8.01 19.85 -2.26
CA ASN A 117 -9.35 19.58 -2.69
C ASN A 117 -10.34 19.32 -1.55
N LYS A 118 -11.59 19.14 -1.96
CA LYS A 118 -12.69 18.74 -1.09
C LYS A 118 -12.37 17.43 -0.39
N GLU A 119 -12.69 17.35 0.90
CA GLU A 119 -12.58 16.14 1.71
C GLU A 119 -13.97 15.74 2.19
N HIS A 120 -14.49 14.60 1.75
CA HIS A 120 -15.73 14.06 2.26
C HIS A 120 -15.64 13.21 3.52
N VAL A 121 -16.46 13.54 4.51
CA VAL A 121 -16.36 12.89 5.80
C VAL A 121 -17.72 12.79 6.46
N ILE A 122 -17.84 11.78 7.31
CA ILE A 122 -19.04 11.47 8.07
C ILE A 122 -18.94 12.29 9.35
N ARG A 123 -19.95 13.08 9.67
CA ARG A 123 -20.07 13.83 10.91
C ARG A 123 -19.58 13.00 12.09
N GLY A 124 -18.63 13.58 12.81
CA GLY A 124 -18.14 12.98 14.06
C GLY A 124 -16.84 12.22 13.91
N ASN A 125 -16.45 11.98 12.66
CA ASN A 125 -15.16 11.38 12.37
C ASN A 125 -14.09 12.48 12.36
N SER A 126 -12.84 12.09 12.61
CA SER A 126 -11.70 12.91 12.22
C SER A 126 -11.50 13.01 10.72
N ALA A 127 -10.89 14.11 10.30
CA ALA A 127 -10.64 14.44 8.90
C ALA A 127 -9.17 14.82 8.74
N VAL A 128 -8.66 14.50 7.56
CA VAL A 128 -7.30 14.87 7.17
C VAL A 128 -7.37 15.60 5.83
N ILE A 129 -6.98 16.88 5.89
CA ILE A 129 -6.81 17.69 4.68
C ILE A 129 -5.33 17.65 4.25
N LYS A 130 -5.27 17.28 2.97
CA LYS A 130 -3.98 17.08 2.32
C LYS A 130 -3.69 18.21 1.37
N CYS A 131 -2.42 18.59 1.28
CA CYS A 131 -1.94 19.54 0.30
C CYS A 131 -1.35 18.67 -0.80
N LEU A 132 -1.93 18.72 -1.99
CA LEU A 132 -1.47 17.93 -3.12
C LEU A 132 -0.28 18.59 -3.78
N ILE A 133 0.86 17.91 -3.82
CA ILE A 133 2.08 18.41 -4.49
C ILE A 133 2.44 17.44 -5.63
N PRO A 134 2.64 17.98 -6.84
CA PRO A 134 2.84 17.12 -8.01
C PRO A 134 4.07 16.22 -7.88
N SER A 135 4.05 14.99 -8.36
CA SER A 135 5.17 14.15 -7.97
C SER A 135 6.53 14.68 -8.43
N PHE A 136 6.58 15.67 -9.32
CA PHE A 136 7.88 15.94 -9.89
C PHE A 136 8.55 17.12 -9.24
N VAL A 137 7.88 17.73 -8.27
CA VAL A 137 8.51 18.61 -7.34
C VAL A 137 8.43 18.01 -5.96
N ALA A 138 7.73 16.91 -5.75
CA ALA A 138 7.55 16.52 -4.36
C ALA A 138 8.88 16.23 -3.67
N ASP A 139 10.01 16.04 -4.36
CA ASP A 139 11.24 15.79 -3.62
C ASP A 139 11.80 17.04 -2.97
N PHE A 140 11.27 18.20 -3.36
CA PHE A 140 11.85 19.49 -3.00
C PHE A 140 10.86 20.39 -2.26
N VAL A 141 9.56 20.10 -2.31
CA VAL A 141 8.49 21.00 -1.82
C VAL A 141 7.91 20.39 -0.54
N GLU A 142 7.72 21.21 0.49
CA GLU A 142 7.09 20.68 1.69
CA GLU A 142 7.36 20.83 1.85
C GLU A 142 6.25 21.77 2.31
N VAL A 143 5.35 21.33 3.18
CA VAL A 143 4.32 22.18 3.76
C VAL A 143 4.94 22.88 4.97
N VAL A 144 4.61 24.15 5.07
CA VAL A 144 5.19 25.00 6.05
C VAL A 144 4.03 25.35 7.01
N SER A 145 2.79 25.42 6.54
CA SER A 145 1.62 25.92 7.29
C SER A 145 0.31 25.83 6.52
N TRP A 146 -0.74 25.98 7.33
CA TRP A 146 -2.12 25.92 6.85
C TRP A 146 -2.86 27.18 7.30
N HIS A 147 -3.85 27.54 6.50
CA HIS A 147 -4.60 28.77 6.70
C HIS A 147 -6.01 28.60 6.19
N THR A 148 -6.89 29.43 6.75
CA THR A 148 -8.31 29.32 6.46
C THR A 148 -8.75 30.68 5.94
N ASP A 149 -9.94 30.70 5.32
CA ASP A 149 -10.50 31.95 4.83
C ASP A 149 -10.85 32.90 5.96
N GLU A 150 -10.89 32.40 7.19
CA GLU A 150 -11.25 33.22 8.33
C GLU A 150 -9.94 33.78 8.91
N GLU A 151 -8.85 33.51 8.22
N GLU A 151 -8.86 33.36 8.26
CA GLU A 151 -7.55 34.09 8.50
CA GLU A 151 -7.54 33.93 8.43
C GLU A 151 -6.89 33.41 9.70
N GLU A 152 -7.18 32.14 9.96
CA GLU A 152 -6.42 31.48 11.03
C GLU A 152 -5.23 30.79 10.40
N ASN A 153 -4.21 30.53 11.21
CA ASN A 153 -2.95 30.05 10.69
C ASN A 153 -2.54 28.91 11.61
N TYR A 154 -2.18 27.78 11.00
CA TYR A 154 -1.77 26.62 11.77
C TYR A 154 -0.35 26.21 11.41
N PHE A 155 0.44 25.93 12.44
CA PHE A 155 1.84 25.63 12.26
C PHE A 155 2.16 24.32 12.92
N PRO A 156 3.23 23.68 12.45
CA PRO A 156 3.69 22.44 13.04
C PRO A 156 4.05 22.75 14.46
N GLY A 157 3.70 21.83 15.36
CA GLY A 157 4.00 22.01 16.76
C GLY A 157 2.96 21.30 17.58
N ALA A 158 1.95 22.04 18.04
CA ALA A 158 0.95 21.51 18.95
C ALA A 158 -0.47 21.63 18.37
N GLU A 159 -1.43 20.94 18.99
CA GLU A 159 -2.82 21.03 18.54
C GLU A 159 -3.44 22.34 19.01
N TYR A 160 -4.26 22.89 18.12
CA TYR A 160 -4.94 24.16 18.37
C TYR A 160 -6.36 23.93 18.87
N ASP A 161 -6.68 24.57 19.98
CA ASP A 161 -8.08 24.57 20.44
C ASP A 161 -8.73 23.17 20.53
N GLY A 162 -7.92 22.16 20.81
CA GLY A 162 -8.31 20.78 20.94
C GLY A 162 -8.77 20.11 19.65
N LYS A 163 -8.41 20.66 18.48
CA LYS A 163 -9.09 20.30 17.25
C LYS A 163 -8.22 20.16 16.02
N TYR A 164 -7.35 21.17 15.81
CA TYR A 164 -6.43 21.25 14.68
C TYR A 164 -4.99 20.89 14.97
N LEU A 165 -4.45 19.92 14.24
CA LEU A 165 -3.05 19.62 14.38
C LEU A 165 -2.42 19.54 13.00
N VAL A 166 -1.35 20.29 12.74
CA VAL A 166 -0.50 20.06 11.55
C VAL A 166 0.48 18.95 11.88
N LEU A 167 0.31 17.85 11.17
CA LEU A 167 1.07 16.62 11.36
C LEU A 167 2.47 16.75 10.74
N PRO A 168 3.46 16.03 11.27
CA PRO A 168 4.82 15.95 10.77
C PRO A 168 4.86 15.74 9.27
N SER A 169 3.98 14.90 8.76
CA SER A 169 4.02 14.62 7.33
C SER A 169 3.28 15.71 6.58
N GLY A 170 2.89 16.76 7.31
CA GLY A 170 2.42 18.00 6.70
C GLY A 170 0.93 18.14 6.49
N GLU A 171 0.15 17.11 6.74
CA GLU A 171 -1.31 17.18 6.67
C GLU A 171 -1.92 17.95 7.83
N LEU A 172 -3.16 18.39 7.62
CA LEU A 172 -3.95 19.02 8.64
C LEU A 172 -4.99 18.05 9.17
N HIS A 173 -4.92 17.76 10.46
CA HIS A 173 -5.75 16.76 11.06
C HIS A 173 -6.76 17.56 11.83
N ILE A 174 -8.03 17.27 11.59
CA ILE A 174 -9.14 17.87 12.32
C ILE A 174 -9.98 16.82 13.02
N ARG A 175 -10.08 17.00 14.32
CA ARG A 175 -10.86 16.15 15.21
CA ARG A 175 -10.86 16.12 15.18
C ARG A 175 -12.36 16.40 15.11
N GLU A 176 -13.15 15.33 15.15
CA GLU A 176 -14.57 15.38 15.43
C GLU A 176 -15.34 16.40 14.60
N VAL A 177 -15.48 16.08 13.32
CA VAL A 177 -15.94 17.08 12.37
C VAL A 177 -17.45 17.21 12.50
N GLY A 178 -17.93 18.45 12.63
CA GLY A 178 -19.37 18.70 12.70
C GLY A 178 -19.85 19.56 11.54
N PRO A 179 -21.17 19.73 11.40
CA PRO A 179 -21.70 20.46 10.26
C PRO A 179 -21.17 21.87 10.11
N GLU A 180 -20.81 22.49 11.22
CA GLU A 180 -20.30 23.84 11.24
C GLU A 180 -18.94 23.90 10.55
N ASP A 181 -18.25 22.77 10.52
CA ASP A 181 -16.95 22.71 9.89
C ASP A 181 -16.97 22.77 8.36
N GLY A 182 -18.14 22.74 7.76
CA GLY A 182 -18.22 22.94 6.31
C GLY A 182 -18.16 24.37 5.78
N TYR A 183 -18.09 25.34 6.66
CA TYR A 183 -18.15 26.76 6.33
C TYR A 183 -16.73 27.26 6.48
N LYS A 184 -15.78 26.45 6.02
CA LYS A 184 -14.38 26.82 6.13
C LYS A 184 -13.73 26.30 4.86
N SER A 185 -12.71 27.01 4.41
CA SER A 185 -11.96 26.64 3.24
C SER A 185 -10.49 26.74 3.65
N TYR A 186 -9.71 25.73 3.29
CA TYR A 186 -8.30 25.59 3.66
C TYR A 186 -7.28 25.71 2.52
N GLN A 187 -6.17 26.38 2.83
CA GLN A 187 -5.05 26.45 1.93
C GLN A 187 -3.72 26.28 2.63
N CYS A 188 -2.78 25.64 1.92
CA CYS A 188 -1.44 25.40 2.41
C CYS A 188 -0.48 26.37 1.73
N ARG A 189 0.57 26.60 2.53
CA ARG A 189 1.86 27.15 2.18
C ARG A 189 2.94 26.09 2.02
N THR A 190 3.63 26.16 0.88
CA THR A 190 4.68 25.20 0.52
C THR A 190 5.97 25.97 0.34
N LYS A 191 7.07 25.32 0.71
CA LYS A 191 8.41 25.87 0.47
C LYS A 191 9.25 24.91 -0.39
N HIS A 192 9.93 25.45 -1.38
CA HIS A 192 10.83 24.67 -2.21
C HIS A 192 12.24 24.82 -1.69
N ARG A 193 12.84 23.74 -1.22
CA ARG A 193 14.16 23.83 -0.60
C ARG A 193 15.35 24.17 -1.49
N LEU A 194 15.22 24.03 -2.80
CA LEU A 194 16.31 24.49 -3.66
C LEU A 194 16.31 25.98 -4.01
N THR A 195 15.12 26.54 -4.24
CA THR A 195 15.01 27.97 -4.52
C THR A 195 14.76 28.82 -3.28
N GLY A 196 14.44 28.20 -2.14
CA GLY A 196 13.82 28.92 -1.03
C GLY A 196 12.52 29.68 -1.22
N GLU A 197 11.88 29.55 -2.37
CA GLU A 197 10.57 30.14 -2.66
C GLU A 197 9.40 29.47 -1.91
N THR A 198 8.50 30.30 -1.38
CA THR A 198 7.26 29.79 -0.82
C THR A 198 6.02 30.30 -1.57
N ARG A 199 4.93 29.59 -1.37
CA ARG A 199 3.75 29.79 -2.22
C ARG A 199 2.54 29.30 -1.47
N LEU A 200 1.44 30.01 -1.64
CA LEU A 200 0.13 29.59 -1.15
C LEU A 200 -0.39 28.66 -2.23
N SER A 201 -1.21 27.71 -1.81
CA SER A 201 -1.77 26.71 -2.73
C SER A 201 -2.71 27.40 -3.70
N ALA A 202 -2.86 26.88 -4.91
CA ALA A 202 -3.62 27.53 -5.98
C ALA A 202 -5.12 27.21 -5.98
N THR A 203 -5.53 26.11 -5.37
CA THR A 203 -6.91 25.91 -4.98
C THR A 203 -7.00 25.78 -3.46
N LYS A 204 -8.23 25.86 -2.98
CA LYS A 204 -8.50 25.74 -1.55
C LYS A 204 -9.47 24.61 -1.42
N GLY A 205 -9.43 23.89 -0.31
CA GLY A 205 -10.37 22.82 -0.05
C GLY A 205 -11.37 23.07 1.06
N ARG A 206 -12.46 22.30 1.04
CA ARG A 206 -13.49 22.32 2.08
C ARG A 206 -13.77 20.86 2.49
N LEU A 207 -14.32 20.68 3.69
CA LEU A 207 -14.86 19.43 4.22
C LEU A 207 -16.30 19.44 3.77
N VAL A 208 -16.75 18.39 3.10
CA VAL A 208 -18.18 18.14 2.83
C VAL A 208 -18.61 17.01 3.76
N ILE A 209 -19.49 17.38 4.70
CA ILE A 209 -19.92 16.50 5.79
C ILE A 209 -21.20 15.75 5.45
N THR A 210 -21.20 14.42 5.56
CA THR A 210 -22.46 13.68 5.54
C THR A 210 -22.96 13.34 6.94
N GLU A 211 -24.27 13.57 7.07
CA GLU A 211 -25.03 13.20 8.24
C GLU A 211 -25.59 11.83 7.89
N PRO A 212 -25.10 10.78 8.52
CA PRO A 212 -25.50 9.51 7.94
C PRO A 212 -26.76 8.95 8.61
N ILE A 213 -27.59 8.18 7.92
CA ILE A 213 -28.70 7.55 8.60
C ILE A 213 -28.41 6.08 8.91
N SER A 214 -27.87 5.42 7.90
CA SER A 214 -27.38 4.06 8.02
C SER A 214 -26.08 4.06 8.77
N SER A 215 -25.87 3.00 9.53
CA SER A 215 -24.57 2.64 10.03
C SER A 215 -23.73 2.03 8.92
N SER A 216 -22.43 2.04 9.19
CA SER A 216 -21.47 1.55 8.21
C SER A 216 -20.22 1.19 9.02
N ALA A 217 -19.76 -0.03 8.78
CA ALA A 217 -18.47 -0.45 9.31
C ALA A 217 -17.42 0.50 8.76
N PRO A 218 -16.30 0.67 9.49
CA PRO A 218 -15.14 1.46 9.08
C PRO A 218 -14.65 1.00 7.70
N ARG A 219 -14.27 1.98 6.88
CA ARG A 219 -13.83 1.73 5.52
C ARG A 219 -12.58 2.54 5.32
N THR A 220 -11.50 1.89 4.89
CA THR A 220 -10.20 2.51 4.65
C THR A 220 -9.99 2.64 3.15
N PRO A 221 -9.09 3.56 2.75
CA PRO A 221 -8.90 3.77 1.31
C PRO A 221 -8.26 2.63 0.52
N ALA A 222 -8.49 2.65 -0.79
CA ALA A 222 -7.70 1.86 -1.74
C ALA A 222 -6.18 2.12 -1.72
N LEU A 223 -5.74 3.36 -1.57
CA LEU A 223 -4.29 3.61 -1.69
C LEU A 223 -3.71 3.84 -0.30
N VAL A 224 -2.62 3.17 0.01
CA VAL A 224 -2.05 3.25 1.35
C VAL A 224 -0.56 3.59 1.34
N GLN A 225 -0.10 4.18 2.44
CA GLN A 225 1.28 4.64 2.53
C GLN A 225 2.17 3.44 2.29
N LYS A 226 3.06 3.52 1.31
CA LYS A 226 4.08 2.50 1.10
C LYS A 226 5.21 2.61 2.12
N PRO A 227 6.09 1.61 2.14
CA PRO A 227 7.08 1.59 3.21
C PRO A 227 7.91 2.86 3.34
N LEU A 228 7.83 3.41 4.55
CA LEU A 228 8.55 4.61 4.93
C LEU A 228 9.97 4.32 5.36
N GLU A 229 10.85 5.27 5.05
CA GLU A 229 12.24 5.33 5.55
C GLU A 229 12.49 6.66 6.25
N LEU A 230 12.74 6.64 7.56
CA LEU A 230 12.91 7.85 8.37
C LEU A 230 14.26 7.83 9.08
N MET A 231 14.95 8.97 9.12
CA MET A 231 16.22 9.04 9.82
C MET A 231 16.02 9.00 11.34
N VAL A 232 16.94 8.37 12.09
CA VAL A 232 16.97 8.44 13.55
C VAL A 232 16.84 9.87 14.06
N ALA A 233 16.18 9.98 15.20
CA ALA A 233 16.03 11.24 15.92
C ALA A 233 14.98 12.16 15.29
N HIS A 234 14.36 11.72 14.20
CA HIS A 234 13.28 12.46 13.55
C HIS A 234 11.89 12.09 14.06
N THR A 235 10.90 12.96 13.86
CA THR A 235 9.52 12.65 14.20
C THR A 235 8.78 12.01 13.03
N ILE A 236 7.92 11.02 13.31
CA ILE A 236 7.21 10.23 12.30
C ILE A 236 5.73 10.24 12.65
N SER A 237 4.82 10.40 11.68
CA SER A 237 3.41 10.19 11.94
C SER A 237 2.85 9.12 10.99
N LEU A 238 2.11 8.15 11.51
CA LEU A 238 1.52 7.15 10.65
C LEU A 238 0.00 7.35 10.65
N LEU A 239 -0.51 7.50 9.43
CA LEU A 239 -1.91 7.81 9.27
C LEU A 239 -2.70 6.51 9.23
N CYS A 240 -3.94 6.56 9.71
CA CYS A 240 -4.85 5.43 9.61
C CYS A 240 -6.21 5.93 9.14
N PRO A 241 -6.30 6.21 7.83
CA PRO A 241 -7.52 6.86 7.36
C PRO A 241 -8.69 5.87 7.44
N ALA A 242 -9.79 6.29 8.03
CA ALA A 242 -10.96 5.43 8.16
C ALA A 242 -12.16 6.34 8.39
N GLN A 243 -13.28 5.96 7.79
CA GLN A 243 -14.52 6.68 8.05
C GLN A 243 -15.55 5.61 8.37
N GLY A 244 -16.30 5.81 9.44
CA GLY A 244 -17.29 4.83 9.86
C GLY A 244 -18.42 5.56 10.55
N PHE A 245 -19.51 4.81 10.71
CA PHE A 245 -20.61 5.29 11.55
C PHE A 245 -21.30 4.18 12.33
N PRO A 246 -21.24 4.29 13.67
CA PRO A 246 -20.60 5.32 14.49
C PRO A 246 -19.09 5.56 14.33
N ALA A 247 -18.66 6.77 14.71
CA ALA A 247 -17.27 7.21 14.57
C ALA A 247 -16.44 6.17 15.29
N PRO A 248 -15.43 5.60 14.62
CA PRO A 248 -14.68 4.49 15.18
C PRO A 248 -13.58 4.80 16.15
N SER A 249 -13.13 3.71 16.79
CA SER A 249 -11.91 3.71 17.59
C SER A 249 -10.72 3.13 16.83
N PHE A 250 -9.50 3.44 17.24
CA PHE A 250 -8.33 3.02 16.49
C PHE A 250 -7.29 2.51 17.48
N ARG A 251 -6.63 1.41 17.18
CA ARG A 251 -5.54 0.89 18.02
C ARG A 251 -4.40 0.47 17.11
N TRP A 252 -3.19 0.78 17.53
CA TRP A 252 -2.00 0.37 16.77
C TRP A 252 -1.15 -0.75 17.40
N TYR A 253 -0.61 -1.55 16.48
CA TYR A 253 0.24 -2.69 16.80
C TYR A 253 1.52 -2.66 15.98
N LYS A 254 2.48 -3.47 16.40
CA LYS A 254 3.68 -3.78 15.62
C LYS A 254 3.78 -5.31 15.63
N PHE A 255 3.91 -5.92 14.47
CA PHE A 255 4.25 -7.32 14.36
C PHE A 255 5.64 -7.55 14.91
N ILE A 256 5.78 -8.63 15.68
CA ILE A 256 7.09 -9.12 16.09
C ILE A 256 7.82 -9.55 14.82
N GLU A 257 9.04 -9.06 14.70
CA GLU A 257 9.73 -8.92 13.41
C GLU A 257 9.90 -10.32 12.82
N GLY A 258 9.47 -10.52 11.58
CA GLY A 258 9.47 -11.84 10.94
C GLY A 258 8.55 -12.91 11.51
N THR A 259 7.50 -12.49 12.20
CA THR A 259 6.48 -13.39 12.74
C THR A 259 5.11 -12.86 12.34
N THR A 260 4.09 -13.67 12.63
CA THR A 260 2.69 -13.37 12.33
C THR A 260 1.94 -12.76 13.54
N ARG A 261 2.63 -12.71 14.68
CA ARG A 261 2.15 -12.17 15.94
C ARG A 261 2.39 -10.65 15.98
N LYS A 262 1.54 -9.92 16.69
CA LYS A 262 1.58 -8.47 16.82
C LYS A 262 1.59 -8.06 18.28
N GLN A 263 2.05 -6.86 18.57
CA GLN A 263 2.01 -6.37 19.94
C GLN A 263 1.48 -4.94 19.97
N ALA A 264 0.65 -4.62 20.96
CA ALA A 264 0.08 -3.29 21.08
C ALA A 264 1.22 -2.29 21.18
N VAL A 265 1.04 -1.08 20.66
CA VAL A 265 2.05 -0.05 20.75
C VAL A 265 1.88 0.60 22.11
N VAL A 266 2.92 0.84 22.89
CA VAL A 266 2.68 1.49 24.16
C VAL A 266 2.85 3.00 24.04
N LEU A 267 1.94 3.73 24.68
CA LEU A 267 1.85 5.18 24.49
C LEU A 267 2.47 5.87 25.69
N ASN A 268 3.27 6.90 25.42
CA ASN A 268 3.96 7.66 26.44
C ASN A 268 4.38 9.04 25.95
N ASP A 269 5.14 9.73 26.80
N ASP A 269 5.22 9.69 26.74
CA ASP A 269 5.97 10.88 26.46
CA ASP A 269 5.82 10.98 26.42
C ASP A 269 6.37 11.00 24.99
N ARG A 270 7.06 9.94 24.57
CA ARG A 270 7.64 9.86 23.24
C ARG A 270 6.63 9.45 22.17
N VAL A 271 5.75 8.50 22.46
CA VAL A 271 4.87 7.95 21.44
C VAL A 271 3.42 8.24 21.78
N LYS A 272 2.75 8.91 20.86
CA LYS A 272 1.48 9.57 21.15
C LYS A 272 0.50 9.19 20.05
N GLN A 273 -0.79 9.24 20.37
CA GLN A 273 -1.79 8.89 19.36
C GLN A 273 -2.79 10.01 19.38
N VAL A 274 -3.02 10.63 18.22
CA VAL A 274 -4.04 11.67 18.10
C VAL A 274 -5.09 11.07 17.18
N SER A 275 -6.24 10.75 17.77
CA SER A 275 -7.27 10.01 17.05
C SER A 275 -6.79 8.64 16.55
N GLY A 276 -6.54 8.51 15.26
CA GLY A 276 -5.93 7.29 14.79
C GLY A 276 -4.54 7.53 14.28
N THR A 277 -3.95 8.67 14.55
CA THR A 277 -2.64 8.97 13.99
C THR A 277 -1.62 8.61 15.08
N LEU A 278 -0.64 7.78 14.76
CA LEU A 278 0.46 7.51 15.69
C LEU A 278 1.63 8.50 15.50
N ILE A 279 2.05 9.20 16.54
CA ILE A 279 3.18 10.09 16.41
C ILE A 279 4.33 9.54 17.24
N ILE A 280 5.45 9.29 16.58
CA ILE A 280 6.65 8.81 17.24
C ILE A 280 7.72 9.91 17.14
N LYS A 281 8.10 10.45 18.29
CA LYS A 281 9.07 11.51 18.38
C LYS A 281 10.41 10.84 18.64
N ASP A 282 11.50 11.35 18.07
CA ASP A 282 12.83 10.87 18.42
C ASP A 282 13.12 9.43 18.03
N ALA A 283 12.92 9.13 16.76
CA ALA A 283 13.06 7.75 16.32
C ALA A 283 14.43 7.16 16.58
N VAL A 284 14.38 5.93 17.03
CA VAL A 284 15.54 5.07 17.25
C VAL A 284 15.29 3.95 16.26
N VAL A 285 16.34 3.23 15.91
CA VAL A 285 16.28 2.19 14.88
C VAL A 285 15.27 1.09 15.24
N GLU A 286 15.16 0.82 16.53
CA GLU A 286 14.25 -0.18 17.06
C GLU A 286 12.78 0.08 16.73
N ASP A 287 12.43 1.31 16.38
CA ASP A 287 11.04 1.60 15.96
C ASP A 287 10.69 1.06 14.58
N SER A 288 11.68 0.71 13.76
CA SER A 288 11.46 0.05 12.49
C SER A 288 10.57 -1.17 12.71
N GLY A 289 9.68 -1.40 11.72
CA GLY A 289 8.90 -2.63 11.71
C GLY A 289 7.60 -2.49 10.95
N LYS A 290 6.72 -3.46 11.12
CA LYS A 290 5.48 -3.50 10.35
C LYS A 290 4.36 -3.19 11.33
N TYR A 291 3.75 -2.03 11.13
CA TYR A 291 2.70 -1.59 12.02
C TYR A 291 1.32 -1.91 11.49
N LEU A 292 0.43 -2.23 12.42
CA LEU A 292 -0.96 -2.48 12.06
C LEU A 292 -1.90 -1.55 12.82
N CYS A 293 -2.75 -0.86 12.07
CA CYS A 293 -3.85 -0.10 12.60
C CYS A 293 -5.15 -0.90 12.51
N VAL A 294 -5.73 -1.18 13.68
CA VAL A 294 -7.04 -1.80 13.74
C VAL A 294 -8.10 -0.79 14.11
N VAL A 295 -9.13 -0.74 13.26
CA VAL A 295 -10.23 0.22 13.37
C VAL A 295 -11.59 -0.46 13.37
N ASN A 296 -12.42 0.08 14.25
CA ASN A 296 -13.55 -0.61 14.82
C ASN A 296 -14.75 0.28 15.20
N ASN A 297 -15.92 -0.26 14.93
CA ASN A 297 -17.12 0.18 15.62
C ASN A 297 -18.12 -0.94 15.74
N SER A 298 -19.31 -0.59 16.23
CA SER A 298 -20.24 -1.62 16.63
C SER A 298 -20.74 -2.40 15.44
N VAL A 299 -20.48 -1.94 14.22
CA VAL A 299 -20.85 -2.70 13.03
C VAL A 299 -19.71 -3.64 12.62
N GLY A 300 -18.46 -3.19 12.69
CA GLY A 300 -17.34 -4.09 12.43
C GLY A 300 -16.00 -3.39 12.42
N GLY A 301 -15.03 -3.99 11.74
CA GLY A 301 -13.68 -3.47 11.76
C GLY A 301 -12.96 -3.55 10.44
N GLU A 302 -11.88 -2.79 10.32
CA GLU A 302 -10.95 -2.91 9.19
C GLU A 302 -9.51 -2.66 9.67
N SER A 303 -8.53 -2.83 8.79
CA SER A 303 -7.14 -2.56 9.16
C SER A 303 -6.24 -2.25 7.96
N VAL A 304 -5.20 -1.46 8.22
CA VAL A 304 -4.12 -1.29 7.26
C VAL A 304 -2.73 -1.38 7.90
N GLU A 305 -1.82 -1.97 7.13
CA GLU A 305 -0.43 -2.19 7.50
C GLU A 305 0.40 -1.05 6.92
N THR A 306 1.51 -0.74 7.58
CA THR A 306 2.48 0.29 7.18
C THR A 306 3.84 -0.13 7.76
N VAL A 307 4.83 -0.30 6.88
CA VAL A 307 6.20 -0.64 7.26
C VAL A 307 6.99 0.64 7.50
N LEU A 308 7.87 0.68 8.50
CA LEU A 308 8.73 1.84 8.71
C LEU A 308 10.17 1.34 8.92
N THR A 309 11.17 1.91 8.24
CA THR A 309 12.58 1.76 8.64
C THR A 309 13.00 3.17 9.07
N VAL A 310 13.25 3.43 10.35
CA VAL A 310 14.41 4.06 10.96
C VAL A 310 15.88 3.86 10.54
N THR A 311 16.34 4.77 9.68
CA THR A 311 17.69 4.71 9.16
C THR A 311 18.74 5.37 10.09
N ALA A 312 19.95 4.82 10.06
CA ALA A 312 21.09 5.38 10.77
C ALA A 312 22.25 5.41 9.79
N PRO A 313 23.11 6.44 9.93
CA PRO A 313 24.20 6.63 8.97
C PRO A 313 25.25 5.55 9.08
N LEU A 314 25.59 5.07 7.89
CA LEU A 314 26.62 4.07 7.66
C LEU A 314 27.99 4.65 8.07
N SER A 315 28.83 3.84 8.70
CA SER A 315 30.27 4.02 8.70
C SER A 315 30.94 2.66 8.62
N ALA A 316 32.10 2.60 8.00
CA ALA A 316 32.97 1.40 7.96
C ALA A 316 34.40 1.75 8.36
N LYS A 317 35.18 0.74 8.74
CA LYS A 317 36.55 0.84 9.23
C LYS A 317 37.02 -0.58 8.96
N ILE A 318 38.17 -0.77 8.34
CA ILE A 318 38.78 -2.10 8.10
C ILE A 318 39.84 -2.35 9.16
N ASP A 319 39.76 -3.52 9.78
CA ASP A 319 40.81 -4.18 10.54
C ASP A 319 41.68 -5.18 9.74
N PRO A 320 42.99 -4.90 9.61
CA PRO A 320 43.67 -3.71 10.11
C PRO A 320 43.81 -2.63 9.04
N PRO A 321 44.09 -1.40 9.48
CA PRO A 321 44.28 -0.37 8.45
C PRO A 321 45.49 -0.58 7.52
N THR A 322 46.46 -1.41 7.90
CA THR A 322 47.59 -1.76 7.06
C THR A 322 48.22 -3.06 7.55
N GLN A 323 48.79 -3.84 6.63
CA GLN A 323 49.58 -5.02 6.95
C GLN A 323 50.64 -5.34 5.90
N THR A 324 51.74 -5.95 6.35
CA THR A 324 52.78 -6.42 5.45
C THR A 324 52.80 -7.94 5.50
N VAL A 325 52.48 -8.62 4.40
CA VAL A 325 52.36 -10.07 4.40
C VAL A 325 53.38 -10.70 3.47
N ASP A 326 53.98 -11.79 3.91
CA ASP A 326 54.92 -12.57 3.10
C ASP A 326 54.22 -13.22 1.91
N PHE A 327 54.99 -13.54 0.87
CA PHE A 327 54.48 -14.43 -0.18
C PHE A 327 54.44 -15.79 0.50
N GLY A 328 53.64 -16.76 0.06
CA GLY A 328 52.24 -16.62 -0.26
C GLY A 328 51.64 -17.12 1.05
N ARG A 329 51.74 -16.28 2.08
CA ARG A 329 50.96 -16.40 3.31
C ARG A 329 49.61 -15.70 3.11
N PRO A 330 48.59 -16.03 3.94
CA PRO A 330 47.29 -15.36 3.85
C PRO A 330 47.28 -13.90 4.29
N ALA A 331 46.43 -13.10 3.66
CA ALA A 331 46.03 -11.79 4.18
C ALA A 331 44.51 -11.66 4.40
N VAL A 332 44.17 -11.06 5.53
CA VAL A 332 42.80 -11.01 6.02
C VAL A 332 42.46 -9.57 6.36
N PHE A 333 41.41 -9.06 5.72
CA PHE A 333 40.78 -7.80 6.04
C PHE A 333 39.33 -7.98 6.51
N THR A 334 39.02 -7.44 7.68
CA THR A 334 37.67 -7.39 8.23
C THR A 334 37.05 -6.00 8.32
N CYS A 335 35.95 -5.83 7.60
CA CYS A 335 35.22 -4.57 7.56
C CYS A 335 34.22 -4.53 8.71
N GLN A 336 34.30 -3.47 9.50
CA GLN A 336 33.33 -3.27 10.56
C GLN A 336 32.54 -2.03 10.24
N TYR A 337 31.22 -2.14 10.39
CA TYR A 337 30.39 -1.01 10.02
C TYR A 337 29.28 -0.75 11.03
N THR A 338 28.58 0.36 10.79
CA THR A 338 27.48 0.84 11.62
C THR A 338 26.44 1.36 10.65
N GLY A 339 25.18 1.20 11.01
CA GLY A 339 24.06 1.82 10.32
C GLY A 339 22.86 0.93 10.08
N ASN A 340 21.82 1.57 9.56
CA ASN A 340 20.56 0.87 9.32
C ASN A 340 19.96 1.54 8.09
N PRO A 341 19.52 0.73 7.11
CA PRO A 341 19.81 -0.69 6.94
C PRO A 341 21.07 -0.95 6.13
N ILE A 342 21.59 -2.16 6.18
CA ILE A 342 22.69 -2.63 5.35
C ILE A 342 22.19 -3.56 4.27
N LYS A 343 21.95 -3.04 3.08
CA LYS A 343 21.57 -3.92 1.98
C LYS A 343 22.80 -4.69 1.46
N THR A 344 23.96 -4.06 1.32
CA THR A 344 25.12 -4.82 0.86
C THR A 344 26.50 -4.39 1.35
N VAL A 345 27.42 -5.34 1.20
CA VAL A 345 28.85 -5.11 1.46
C VAL A 345 29.64 -5.54 0.24
N SER A 346 30.57 -4.70 -0.20
CA SER A 346 31.23 -4.85 -1.48
C SER A 346 32.70 -4.48 -1.26
N TRP A 347 33.62 -5.17 -1.93
CA TRP A 347 35.05 -4.86 -1.86
C TRP A 347 35.66 -4.41 -3.17
N MET A 348 36.65 -3.54 -3.06
CA MET A 348 37.45 -3.09 -4.19
C MET A 348 38.95 -3.16 -3.96
N LYS A 349 39.69 -3.28 -5.06
CA LYS A 349 41.15 -3.30 -5.02
C LYS A 349 41.71 -2.36 -6.07
N ASP A 350 42.34 -1.27 -5.62
CA ASP A 350 42.86 -0.24 -6.51
C ASP A 350 41.79 0.30 -7.45
N GLY A 351 40.66 0.70 -6.86
CA GLY A 351 39.52 1.25 -7.58
C GLY A 351 38.54 0.34 -8.32
N LYS A 352 38.89 -0.93 -8.51
CA LYS A 352 38.09 -1.90 -9.29
C LYS A 352 37.34 -2.81 -8.31
N ALA A 353 36.22 -3.37 -8.75
CA ALA A 353 35.53 -4.43 -8.03
C ALA A 353 36.33 -5.75 -7.97
N ILE A 354 36.10 -6.55 -6.94
CA ILE A 354 36.72 -7.88 -6.91
C ILE A 354 35.76 -9.08 -6.97
N GLY A 355 34.45 -8.85 -6.88
CA GLY A 355 33.46 -9.91 -6.69
C GLY A 355 33.66 -10.60 -5.35
N HIS A 356 33.18 -9.97 -4.29
CA HIS A 356 33.29 -10.57 -2.97
C HIS A 356 32.43 -9.65 -2.11
N SER A 357 31.40 -10.23 -1.50
CA SER A 357 30.37 -9.44 -0.85
C SER A 357 30.12 -9.94 0.57
N GLU A 358 31.16 -10.52 1.13
CA GLU A 358 31.16 -10.89 2.54
C GLU A 358 32.07 -9.88 3.26
N SER A 359 31.73 -9.60 4.51
CA SER A 359 32.44 -8.61 5.32
C SER A 359 33.93 -8.87 5.60
N VAL A 360 34.36 -10.13 5.49
CA VAL A 360 35.75 -10.54 5.65
C VAL A 360 36.31 -10.99 4.30
N LEU A 361 37.41 -10.34 3.91
CA LEU A 361 38.21 -10.69 2.74
C LEU A 361 39.48 -11.42 3.12
N ARG A 362 39.67 -12.56 2.46
CA ARG A 362 40.83 -13.41 2.66
C ARG A 362 41.51 -13.73 1.34
N ILE A 363 42.80 -13.40 1.27
CA ILE A 363 43.63 -13.83 0.17
C ILE A 363 44.41 -14.95 0.82
N GLU A 364 44.42 -16.10 0.15
N GLU A 364 44.36 -16.09 0.16
CA GLU A 364 44.93 -17.32 0.75
CA GLU A 364 44.94 -17.36 0.58
C GLU A 364 46.46 -17.28 0.75
N SER A 365 47.05 -16.65 -0.26
CA SER A 365 48.50 -16.68 -0.44
C SER A 365 48.89 -15.55 -1.38
N VAL A 366 49.56 -14.56 -0.80
CA VAL A 366 49.76 -13.26 -1.45
C VAL A 366 50.76 -13.35 -2.61
N LYS A 367 50.58 -12.45 -3.58
CA LYS A 367 51.44 -12.33 -4.75
C LYS A 367 51.91 -10.89 -4.91
N LYS A 368 52.76 -10.66 -5.90
CA LYS A 368 53.20 -9.34 -6.34
C LYS A 368 52.07 -8.34 -6.56
N GLU A 369 50.99 -8.84 -7.14
CA GLU A 369 49.90 -8.04 -7.68
C GLU A 369 48.83 -7.82 -6.61
N ASP A 370 49.00 -8.38 -5.42
CA ASP A 370 48.00 -8.17 -4.38
C ASP A 370 48.34 -6.91 -3.57
N LYS A 371 49.59 -6.48 -3.61
CA LYS A 371 49.97 -5.19 -3.07
C LYS A 371 49.02 -4.13 -3.62
N GLY A 372 48.54 -3.24 -2.75
CA GLY A 372 47.69 -2.12 -3.13
C GLY A 372 46.65 -1.77 -2.08
N MET A 373 45.71 -0.92 -2.46
CA MET A 373 44.65 -0.46 -1.58
C MET A 373 43.44 -1.38 -1.76
N TYR A 374 42.76 -1.66 -0.65
CA TYR A 374 41.52 -2.41 -0.59
C TYR A 374 40.50 -1.57 0.15
N GLN A 375 39.24 -1.74 -0.24
CA GLN A 375 38.15 -0.92 0.27
C GLN A 375 36.92 -1.77 0.51
N CYS A 376 36.27 -1.50 1.64
CA CYS A 376 34.97 -2.10 1.88
C CYS A 376 34.05 -0.93 1.58
N PHE A 377 32.98 -1.23 0.84
CA PHE A 377 31.83 -0.33 0.69
C PHE A 377 30.59 -0.95 1.29
N VAL A 378 29.91 -0.22 2.17
CA VAL A 378 28.62 -0.66 2.69
C VAL A 378 27.56 0.24 2.11
N ARG A 379 26.42 -0.32 1.71
CA ARG A 379 25.35 0.42 1.05
C ARG A 379 23.97 0.04 1.56
N ASN A 380 23.10 1.05 1.57
CA ASN A 380 21.64 0.88 1.53
C ASN A 380 21.10 1.86 0.50
N ASP A 381 19.84 1.72 0.13
CA ASP A 381 19.35 2.32 -1.12
C ASP A 381 19.33 3.85 -1.17
N ARG A 382 19.63 4.54 -0.08
CA ARG A 382 19.81 5.98 -0.14
C ARG A 382 21.27 6.40 0.18
N GLU A 383 22.20 5.47 0.34
CA GLU A 383 23.40 5.80 1.10
C GLU A 383 24.56 4.77 1.03
N SER A 384 25.78 5.25 1.24
CA SER A 384 27.02 4.47 1.21
C SER A 384 28.17 5.00 2.08
N ALA A 385 29.05 4.10 2.49
CA ALA A 385 30.18 4.44 3.34
C ALA A 385 31.30 3.49 2.90
N GLU A 386 32.50 4.02 2.72
CA GLU A 386 33.67 3.20 2.43
C GLU A 386 34.70 3.31 3.56
N ALA A 387 35.53 2.29 3.66
CA ALA A 387 36.72 2.26 4.49
C ALA A 387 37.78 1.69 3.57
N SER A 388 39.01 2.13 3.81
CA SER A 388 40.21 1.67 3.13
C SER A 388 41.34 1.14 4.02
N ALA A 389 42.23 0.38 3.38
CA ALA A 389 43.26 -0.46 3.96
C ALA A 389 44.32 -0.71 2.89
N GLU A 390 45.48 -1.11 3.37
CA GLU A 390 46.74 -0.97 2.67
C GLU A 390 47.33 -2.37 2.87
N LEU A 391 47.68 -3.06 1.79
CA LEU A 391 48.49 -4.28 1.87
C LEU A 391 49.90 -4.10 1.28
N LYS A 392 50.91 -4.30 2.11
CA LYS A 392 52.31 -4.35 1.69
C LYS A 392 52.92 -5.76 1.67
N LEU A 393 53.94 -5.92 0.83
CA LEU A 393 54.63 -7.19 0.64
C LEU A 393 55.83 -7.27 1.58
N GLY A 394 55.96 -8.39 2.29
CA GLY A 394 57.17 -8.67 3.06
C GLY A 394 58.34 -8.96 2.15
N ALA B 1 -47.73 -36.24 14.65
CA ALA B 1 -47.45 -37.52 15.46
C ALA B 1 -46.68 -38.63 14.68
N TYR B 2 -46.08 -38.32 13.53
CA TYR B 2 -45.73 -39.42 12.61
C TYR B 2 -44.77 -39.20 11.44
N PHE B 3 -43.88 -40.18 11.27
CA PHE B 3 -42.98 -40.26 10.12
C PHE B 3 -42.53 -41.71 9.92
N GLN B 4 -42.17 -42.04 8.69
CA GLN B 4 -41.56 -43.33 8.33
C GLN B 4 -40.14 -43.23 7.77
N GLY B 5 -39.52 -44.41 7.72
CA GLY B 5 -38.08 -44.50 7.51
C GLY B 5 -37.26 -44.29 8.77
N ASP B 6 -35.95 -44.37 8.61
CA ASP B 6 -35.01 -44.09 9.69
C ASP B 6 -35.02 -42.60 9.82
N GLN B 7 -34.86 -42.10 11.04
CA GLN B 7 -34.58 -40.68 11.15
C GLN B 7 -33.30 -40.32 10.43
N LYS B 8 -33.37 -39.16 9.78
CA LYS B 8 -32.30 -38.53 9.02
C LYS B 8 -32.22 -37.14 9.63
N GLY B 9 -31.01 -36.77 10.05
CA GLY B 9 -30.74 -35.40 10.42
C GLY B 9 -31.14 -34.41 9.34
N PRO B 10 -31.19 -33.12 9.72
CA PRO B 10 -31.46 -32.04 8.78
C PRO B 10 -30.27 -31.74 7.87
N VAL B 11 -30.58 -31.18 6.71
CA VAL B 11 -29.62 -30.83 5.67
C VAL B 11 -30.18 -29.67 4.83
N PHE B 12 -29.37 -28.65 4.58
CA PHE B 12 -29.84 -27.42 3.96
C PHE B 12 -30.00 -27.77 2.48
N LEU B 13 -31.15 -27.36 1.93
CA LEU B 13 -31.44 -27.50 0.51
C LEU B 13 -31.36 -26.19 -0.26
N LYS B 14 -31.71 -25.10 0.42
CA LYS B 14 -31.39 -23.74 0.01
C LYS B 14 -30.65 -23.08 1.18
N GLU B 15 -29.35 -22.80 1.01
CA GLU B 15 -28.60 -21.96 1.94
C GLU B 15 -28.84 -20.50 1.56
N PRO B 16 -28.96 -19.66 2.59
CA PRO B 16 -29.05 -18.22 2.41
C PRO B 16 -27.72 -17.68 1.92
N THR B 17 -27.69 -16.67 1.06
CA THR B 17 -26.38 -16.17 0.60
C THR B 17 -25.64 -15.39 1.69
N ASN B 18 -24.44 -14.91 1.34
CA ASN B 18 -23.46 -14.51 2.35
C ASN B 18 -23.66 -13.05 2.71
N ARG B 19 -23.75 -12.21 1.69
CA ARG B 19 -24.03 -10.78 1.83
C ARG B 19 -25.33 -10.54 1.10
N ILE B 20 -26.30 -9.90 1.76
CA ILE B 20 -27.37 -9.21 1.06
C ILE B 20 -27.30 -7.73 1.46
N ASP B 21 -27.14 -6.90 0.44
CA ASP B 21 -26.99 -5.45 0.59
C ASP B 21 -28.21 -4.90 -0.10
N PHE B 22 -28.91 -3.97 0.53
CA PHE B 22 -30.15 -3.50 -0.07
C PHE B 22 -30.61 -2.15 0.44
N SER B 23 -31.27 -1.42 -0.46
CA SER B 23 -31.78 -0.12 -0.05
C SER B 23 -33.02 -0.24 0.83
N ASN B 24 -33.29 0.82 1.58
CA ASN B 24 -34.46 0.94 2.45
C ASN B 24 -35.77 0.90 1.68
N SER B 25 -35.72 1.30 0.41
CA SER B 25 -36.90 1.29 -0.44
C SER B 25 -37.21 -0.08 -1.04
N THR B 26 -36.22 -0.97 -1.10
CA THR B 26 -36.39 -2.28 -1.74
C THR B 26 -36.71 -3.39 -0.74
N GLY B 27 -36.03 -3.38 0.40
CA GLY B 27 -36.14 -4.47 1.35
C GLY B 27 -35.41 -5.72 0.88
N ALA B 28 -35.62 -6.82 1.60
CA ALA B 28 -34.82 -8.02 1.42
C ALA B 28 -35.56 -9.29 1.85
N GLU B 29 -35.69 -10.26 0.95
CA GLU B 29 -36.16 -11.60 1.33
C GLU B 29 -34.99 -12.57 1.44
N ILE B 30 -34.90 -13.29 2.56
CA ILE B 30 -33.84 -14.28 2.68
C ILE B 30 -34.41 -15.60 3.15
N GLU B 31 -34.04 -16.60 2.37
CA GLU B 31 -34.72 -17.88 2.33
C GLU B 31 -33.76 -18.98 2.80
N CYS B 32 -34.23 -19.68 3.82
CA CYS B 32 -33.57 -20.89 4.28
C CYS B 32 -34.46 -22.13 4.23
N LYS B 33 -33.94 -23.19 3.62
CA LYS B 33 -34.73 -24.39 3.34
C LYS B 33 -33.95 -25.69 3.52
N ALA B 34 -34.51 -26.55 4.37
CA ALA B 34 -33.86 -27.78 4.83
C ALA B 34 -34.76 -29.01 4.91
N SER B 35 -34.05 -30.13 4.99
CA SER B 35 -34.55 -31.49 4.78
C SER B 35 -34.23 -32.30 6.02
N GLY B 36 -35.00 -33.36 6.19
CA GLY B 36 -34.61 -34.39 7.14
C GLY B 36 -35.84 -35.13 7.60
N ASN B 37 -35.59 -36.07 8.50
CA ASN B 37 -36.59 -37.06 8.89
C ASN B 37 -36.53 -37.34 10.39
N PRO B 38 -37.44 -36.70 11.14
CA PRO B 38 -38.51 -35.85 10.61
C PRO B 38 -38.09 -34.40 10.46
N MET B 39 -39.03 -33.54 10.05
CA MET B 39 -38.93 -32.79 8.82
C MET B 39 -38.51 -31.59 9.70
N PRO B 40 -37.40 -30.92 9.37
CA PRO B 40 -36.84 -30.04 10.40
C PRO B 40 -37.51 -28.67 10.61
N GLU B 41 -37.29 -28.14 11.81
CA GLU B 41 -37.70 -26.77 12.20
C GLU B 41 -36.61 -25.78 11.80
N ILE B 42 -37.01 -24.60 11.34
CA ILE B 42 -36.13 -23.50 10.93
C ILE B 42 -36.22 -22.32 11.90
N ILE B 43 -35.07 -21.97 12.48
CA ILE B 43 -34.94 -20.89 13.45
C ILE B 43 -33.84 -19.90 13.05
N TRP B 44 -34.09 -18.60 13.11
CA TRP B 44 -33.08 -17.63 12.75
C TRP B 44 -32.39 -17.14 14.02
N ILE B 45 -31.07 -17.20 13.98
CA ILE B 45 -30.26 -16.69 15.07
C ILE B 45 -29.43 -15.47 14.64
N ARG B 46 -29.02 -14.66 15.61
CA ARG B 46 -28.10 -13.56 15.34
C ARG B 46 -26.79 -14.31 15.48
N SER B 47 -25.71 -13.77 14.94
CA SER B 47 -24.45 -14.52 15.07
C SER B 47 -23.67 -14.13 16.34
N ASP B 48 -24.44 -13.89 17.41
CA ASP B 48 -24.02 -14.30 18.74
C ASP B 48 -24.80 -15.47 19.36
N GLY B 49 -25.67 -16.12 18.57
CA GLY B 49 -26.29 -17.39 18.95
C GLY B 49 -27.76 -17.36 19.35
N THR B 50 -28.20 -16.18 19.76
CA THR B 50 -29.55 -15.95 20.25
C THR B 50 -30.50 -16.01 19.06
N ALA B 51 -31.67 -16.62 19.27
CA ALA B 51 -32.73 -16.76 18.27
C ALA B 51 -33.46 -15.42 18.14
N VAL B 52 -33.77 -15.01 16.91
CA VAL B 52 -34.20 -13.63 16.66
C VAL B 52 -35.70 -13.40 16.66
N GLY B 53 -36.06 -12.31 17.34
CA GLY B 53 -37.42 -11.79 17.39
C GLY B 53 -37.88 -10.95 16.20
N ASP B 54 -39.18 -10.70 16.15
CA ASP B 54 -39.78 -9.99 15.04
C ASP B 54 -39.83 -8.57 15.53
N VAL B 55 -39.57 -7.68 14.57
CA VAL B 55 -39.65 -6.24 14.77
C VAL B 55 -40.58 -5.86 13.63
N PRO B 56 -41.87 -5.68 13.98
CA PRO B 56 -42.93 -5.33 13.04
C PRO B 56 -42.49 -4.17 12.16
N GLY B 57 -42.73 -4.31 10.86
CA GLY B 57 -42.31 -3.31 9.87
C GLY B 57 -40.86 -3.44 9.47
N LEU B 58 -40.08 -4.22 10.23
CA LEU B 58 -38.64 -4.23 10.01
C LEU B 58 -38.11 -5.63 9.70
N ARG B 59 -38.51 -6.62 10.50
CA ARG B 59 -37.90 -7.94 10.45
C ARG B 59 -39.04 -8.84 10.86
N GLN B 60 -39.41 -9.72 9.94
CA GLN B 60 -40.53 -10.62 10.13
C GLN B 60 -40.10 -11.98 9.58
N ILE B 61 -40.23 -13.01 10.41
CA ILE B 61 -39.87 -14.36 10.01
C ILE B 61 -41.12 -15.09 9.54
N SER B 62 -41.02 -15.73 8.38
CA SER B 62 -42.19 -16.02 7.55
C SER B 62 -42.19 -17.47 7.07
N SER B 63 -43.11 -17.80 6.17
CA SER B 63 -43.37 -19.19 5.76
C SER B 63 -42.61 -19.60 4.49
N ASP B 64 -41.69 -20.56 4.60
CA ASP B 64 -41.47 -21.28 5.85
C ASP B 64 -40.01 -21.54 6.19
N GLY B 65 -39.19 -20.60 5.79
CA GLY B 65 -37.87 -20.41 6.37
C GLY B 65 -37.53 -18.93 6.35
N LYS B 66 -38.48 -18.07 5.98
CA LYS B 66 -38.16 -16.78 5.38
C LYS B 66 -37.95 -15.62 6.36
N LEU B 67 -36.79 -15.00 6.23
CA LEU B 67 -36.51 -13.76 6.95
C LEU B 67 -36.77 -12.65 5.93
N VAL B 68 -37.64 -11.71 6.30
CA VAL B 68 -38.07 -10.63 5.42
C VAL B 68 -37.79 -9.25 6.00
N PHE B 69 -37.06 -8.43 5.25
CA PHE B 69 -36.90 -7.03 5.63
C PHE B 69 -37.74 -6.13 4.72
N PRO B 70 -38.95 -5.74 5.16
CA PRO B 70 -39.84 -4.87 4.38
C PRO B 70 -39.18 -3.53 4.10
N PRO B 71 -39.56 -2.84 3.01
CA PRO B 71 -39.17 -1.45 2.77
C PRO B 71 -39.52 -0.57 3.96
N PHE B 72 -38.65 0.34 4.37
CA PHE B 72 -38.88 1.11 5.59
C PHE B 72 -38.41 2.57 5.46
N ARG B 73 -38.93 3.43 6.34
CA ARG B 73 -38.59 4.85 6.39
C ARG B 73 -37.26 5.11 7.10
N ALA B 74 -36.52 6.13 6.65
CA ALA B 74 -35.22 6.48 7.23
C ALA B 74 -35.23 6.50 8.76
N GLU B 75 -36.30 7.09 9.30
CA GLU B 75 -36.57 7.30 10.71
C GLU B 75 -36.56 5.94 11.40
N ASP B 76 -36.76 4.86 10.64
CA ASP B 76 -37.03 3.55 11.23
C ASP B 76 -35.80 2.63 11.18
N TYR B 77 -34.64 3.15 10.81
CA TYR B 77 -33.43 2.32 10.67
C TYR B 77 -33.10 1.84 12.07
N ARG B 78 -32.81 0.56 12.21
CA ARG B 78 -32.34 0.03 13.48
C ARG B 78 -31.16 -0.84 13.12
N GLN B 79 -30.01 -0.35 13.56
CA GLN B 79 -28.75 -1.04 13.37
C GLN B 79 -28.77 -2.48 13.85
N GLU B 80 -29.46 -2.72 14.96
CA GLU B 80 -29.58 -4.06 15.48
C GLU B 80 -30.31 -4.99 14.49
N VAL B 81 -31.28 -4.49 13.72
CA VAL B 81 -31.96 -5.32 12.74
C VAL B 81 -31.21 -5.28 11.41
N HIS B 82 -30.72 -4.08 11.12
CA HIS B 82 -30.34 -3.71 9.75
C HIS B 82 -28.85 -3.80 9.42
N ALA B 83 -28.06 -3.84 10.48
CA ALA B 83 -26.63 -4.05 10.31
C ALA B 83 -26.19 -5.22 11.21
N GLN B 84 -26.15 -6.40 10.59
CA GLN B 84 -26.20 -7.63 11.36
C GLN B 84 -25.86 -8.88 10.57
N VAL B 85 -25.15 -9.80 11.18
CA VAL B 85 -24.90 -11.11 10.56
C VAL B 85 -25.88 -12.13 11.15
N TYR B 86 -26.75 -12.70 10.31
CA TYR B 86 -27.62 -13.76 10.79
C TYR B 86 -27.14 -15.14 10.38
N ALA B 87 -27.68 -16.14 11.04
CA ALA B 87 -27.59 -17.54 10.59
C ALA B 87 -28.95 -18.24 10.62
N CYS B 88 -29.09 -19.25 9.75
CA CYS B 88 -30.27 -20.11 9.75
C CYS B 88 -30.00 -21.37 10.57
N LEU B 89 -30.86 -21.68 11.53
CA LEU B 89 -30.69 -22.90 12.31
C LEU B 89 -31.86 -23.86 12.05
N ALA B 90 -31.53 -25.10 11.67
CA ALA B 90 -32.51 -26.15 11.32
C ALA B 90 -32.29 -27.33 12.23
N ARG B 91 -33.38 -27.76 12.85
CA ARG B 91 -33.35 -28.73 13.92
C ARG B 91 -34.46 -29.81 13.79
N ASN B 92 -34.10 -31.03 14.15
CA ASN B 92 -35.11 -32.05 14.46
C ASN B 92 -34.68 -32.88 15.67
N GLN B 93 -35.48 -33.86 16.02
CA GLN B 93 -35.13 -34.69 17.16
C GLN B 93 -33.69 -35.20 17.02
N PHE B 94 -33.30 -35.60 15.80
CA PHE B 94 -31.99 -36.20 15.55
C PHE B 94 -30.83 -35.24 15.85
N GLY B 95 -30.83 -34.08 15.19
CA GLY B 95 -29.82 -33.07 15.51
C GLY B 95 -30.05 -31.71 14.90
N SER B 96 -29.01 -30.87 14.92
CA SER B 96 -29.10 -29.52 14.36
C SER B 96 -27.88 -29.08 13.54
N ILE B 97 -28.17 -28.13 12.66
CA ILE B 97 -27.22 -27.56 11.72
C ILE B 97 -27.48 -26.06 11.66
N ILE B 98 -26.40 -25.31 11.50
CA ILE B 98 -26.44 -23.86 11.33
C ILE B 98 -25.94 -23.50 9.95
N SER B 99 -26.55 -22.49 9.33
CA SER B 99 -26.12 -22.12 7.99
C SER B 99 -24.82 -21.32 8.09
N ARG B 100 -24.20 -21.11 6.94
CA ARG B 100 -23.15 -20.11 6.83
C ARG B 100 -23.71 -18.74 7.27
N ASP B 101 -22.85 -17.85 7.74
CA ASP B 101 -23.19 -16.47 8.09
C ASP B 101 -23.95 -15.73 6.99
N VAL B 102 -24.86 -14.83 7.38
CA VAL B 102 -25.64 -14.03 6.44
C VAL B 102 -25.50 -12.58 6.88
N HIS B 103 -24.61 -11.87 6.18
CA HIS B 103 -24.36 -10.45 6.44
C HIS B 103 -25.45 -9.63 5.79
N VAL B 104 -26.17 -8.94 6.67
CA VAL B 104 -27.30 -8.14 6.25
C VAL B 104 -26.89 -6.69 6.39
N ARG B 105 -27.07 -5.93 5.30
CA ARG B 105 -26.77 -4.49 5.29
C ARG B 105 -27.87 -3.73 4.56
N ALA B 106 -28.80 -3.13 5.30
CA ALA B 106 -29.75 -2.15 4.78
C ALA B 106 -29.05 -0.80 4.71
N VAL B 107 -29.29 -0.08 3.61
CA VAL B 107 -28.69 1.21 3.31
C VAL B 107 -29.77 2.20 2.92
N VAL B 108 -29.94 3.22 3.77
CA VAL B 108 -30.86 4.32 3.47
C VAL B 108 -30.31 5.20 2.37
N ALA B 109 -31.15 5.39 1.35
CA ALA B 109 -30.88 6.25 0.20
C ALA B 109 -30.37 7.63 0.60
N GLN B 110 -29.08 7.89 0.34
CA GLN B 110 -28.50 9.19 0.63
C GLN B 110 -27.72 9.80 -0.53
N TYR B 111 -27.80 11.13 -0.59
CA TYR B 111 -27.05 12.00 -1.46
C TYR B 111 -25.55 11.80 -1.27
N TYR B 112 -24.82 11.64 -2.36
CA TYR B 112 -23.36 11.79 -2.38
C TYR B 112 -22.97 12.50 -3.67
N GLU B 113 -21.71 12.93 -3.76
CA GLU B 113 -21.19 13.45 -5.02
C GLU B 113 -19.77 12.92 -5.23
N ALA B 114 -19.48 12.57 -6.46
CA ALA B 114 -18.13 12.30 -6.91
C ALA B 114 -17.43 13.60 -7.33
N ASP B 115 -16.11 13.53 -7.32
CA ASP B 115 -15.31 14.66 -7.77
C ASP B 115 -14.20 14.24 -8.73
N VAL B 116 -13.68 15.19 -9.49
CA VAL B 116 -12.55 14.89 -10.38
C VAL B 116 -11.64 16.09 -10.30
N ASN B 117 -10.41 15.96 -9.81
CA ASN B 117 -9.54 17.12 -9.65
C ASN B 117 -8.49 17.40 -10.75
N LYS B 118 -7.75 18.48 -10.55
CA LYS B 118 -6.62 18.80 -11.42
C LYS B 118 -5.64 17.62 -11.35
N GLU B 119 -5.16 17.17 -12.50
CA GLU B 119 -4.09 16.18 -12.54
C GLU B 119 -2.81 16.78 -13.10
N HIS B 120 -1.69 16.74 -12.41
CA HIS B 120 -0.46 17.31 -12.92
C HIS B 120 0.51 16.31 -13.58
N VAL B 121 0.94 16.55 -14.81
CA VAL B 121 1.75 15.57 -15.46
C VAL B 121 2.83 16.25 -16.29
N ILE B 122 3.92 15.53 -16.49
CA ILE B 122 4.96 15.91 -17.43
C ILE B 122 4.52 15.59 -18.85
N ARG B 123 4.65 16.55 -19.74
CA ARG B 123 4.35 16.34 -21.16
C ARG B 123 5.10 15.12 -21.66
N GLY B 124 4.36 14.26 -22.37
CA GLY B 124 4.95 13.08 -22.99
C GLY B 124 4.67 11.80 -22.21
N ASN B 125 4.47 11.95 -20.90
CA ASN B 125 4.05 10.88 -20.01
C ASN B 125 2.56 10.63 -20.21
N SER B 126 2.13 9.43 -19.85
CA SER B 126 0.75 9.08 -19.63
C SER B 126 0.15 9.72 -18.39
N ALA B 127 -1.17 9.85 -18.38
CA ALA B 127 -1.92 10.38 -17.23
C ALA B 127 -3.16 9.53 -16.88
N VAL B 128 -3.50 9.47 -15.59
CA VAL B 128 -4.66 8.72 -15.14
C VAL B 128 -5.57 9.68 -14.38
N ILE B 129 -6.69 10.11 -14.95
CA ILE B 129 -7.72 10.89 -14.26
C ILE B 129 -8.63 9.95 -13.42
N LYS B 130 -8.79 10.28 -12.14
CA LYS B 130 -9.49 9.45 -11.16
C LYS B 130 -10.85 10.07 -10.87
N CYS B 131 -11.85 9.25 -10.57
CA CYS B 131 -13.14 9.72 -10.10
C CYS B 131 -13.07 9.48 -8.58
N LEU B 132 -13.10 10.56 -7.82
CA LEU B 132 -12.95 10.45 -6.39
C LEU B 132 -14.36 10.15 -5.90
N ILE B 133 -14.62 8.93 -5.42
CA ILE B 133 -15.87 8.58 -4.77
C ILE B 133 -15.62 8.46 -3.28
N PRO B 134 -16.41 9.15 -2.43
CA PRO B 134 -16.38 9.09 -0.97
C PRO B 134 -16.39 7.69 -0.35
N SER B 135 -15.36 7.36 0.41
CA SER B 135 -15.22 6.02 1.01
C SER B 135 -16.55 5.40 1.45
N PHE B 136 -17.34 6.18 2.17
CA PHE B 136 -18.61 5.63 2.69
C PHE B 136 -19.76 5.38 1.72
N VAL B 137 -19.58 5.53 0.42
CA VAL B 137 -20.54 5.00 -0.55
C VAL B 137 -19.83 4.17 -1.62
N ALA B 138 -18.51 4.09 -1.53
CA ALA B 138 -17.64 3.44 -2.49
C ALA B 138 -17.92 1.95 -2.66
N ASP B 139 -18.51 1.28 -1.68
CA ASP B 139 -18.98 -0.09 -1.83
C ASP B 139 -20.13 -0.26 -2.81
N PHE B 140 -20.79 0.83 -3.18
CA PHE B 140 -22.03 0.71 -3.92
C PHE B 140 -21.98 1.50 -5.23
N VAL B 141 -20.96 2.33 -5.37
CA VAL B 141 -20.90 3.28 -6.47
C VAL B 141 -19.68 2.90 -7.30
N GLU B 142 -19.91 2.98 -8.60
CA GLU B 142 -18.73 2.94 -9.44
CA GLU B 142 -19.00 2.59 -9.66
C GLU B 142 -18.95 3.66 -10.77
N VAL B 143 -17.80 3.81 -11.42
CA VAL B 143 -17.70 4.63 -12.60
C VAL B 143 -18.36 3.82 -13.70
N VAL B 144 -19.14 4.50 -14.54
CA VAL B 144 -19.90 3.96 -15.67
C VAL B 144 -19.40 4.59 -16.98
N SER B 145 -18.91 5.83 -16.95
CA SER B 145 -18.36 6.52 -18.12
C SER B 145 -17.59 7.82 -17.81
N TRP B 146 -16.81 8.25 -18.78
CA TRP B 146 -16.17 9.56 -18.76
C TRP B 146 -16.67 10.46 -19.87
N HIS B 147 -16.65 11.76 -19.58
CA HIS B 147 -17.23 12.74 -20.49
C HIS B 147 -16.39 14.00 -20.49
N THR B 148 -16.40 14.71 -21.62
CA THR B 148 -15.57 15.89 -21.82
C THR B 148 -16.48 17.06 -22.17
N ASP B 149 -16.00 18.28 -21.92
CA ASP B 149 -16.69 19.53 -22.22
C ASP B 149 -16.87 19.75 -23.71
N GLU B 150 -16.17 18.99 -24.54
CA GLU B 150 -16.34 19.09 -26.00
C GLU B 150 -17.28 17.98 -26.41
N GLU B 151 -17.97 17.45 -25.40
CA GLU B 151 -19.05 16.49 -25.64
C GLU B 151 -18.56 15.13 -26.06
N GLU B 152 -17.33 14.73 -25.75
CA GLU B 152 -16.98 13.38 -26.10
C GLU B 152 -17.21 12.43 -24.93
N ASN B 153 -17.47 11.17 -25.27
CA ASN B 153 -17.95 10.20 -24.32
C ASN B 153 -17.18 8.91 -24.47
N TYR B 154 -16.60 8.49 -23.35
CA TYR B 154 -15.77 7.29 -23.25
C TYR B 154 -16.35 6.23 -22.36
N PHE B 155 -16.45 5.03 -22.89
CA PHE B 155 -17.00 3.84 -22.22
C PHE B 155 -15.96 2.75 -22.05
N PRO B 156 -16.08 1.98 -20.97
CA PRO B 156 -15.36 0.74 -20.73
C PRO B 156 -15.39 -0.09 -22.02
N GLY B 157 -14.33 -0.80 -22.36
CA GLY B 157 -14.22 -1.50 -23.63
C GLY B 157 -12.85 -1.34 -24.27
N ALA B 158 -12.80 -0.53 -25.32
CA ALA B 158 -11.66 -0.47 -26.22
C ALA B 158 -11.10 0.95 -26.23
N GLU B 159 -9.83 1.12 -26.52
CA GLU B 159 -9.27 2.47 -26.65
C GLU B 159 -9.84 3.31 -27.79
N TYR B 160 -9.95 4.61 -27.53
CA TYR B 160 -10.37 5.60 -28.52
C TYR B 160 -9.18 6.40 -29.07
N ASP B 161 -9.02 6.41 -30.39
CA ASP B 161 -8.08 7.22 -31.19
C ASP B 161 -6.63 6.94 -30.83
N GLY B 162 -6.41 5.65 -30.57
CA GLY B 162 -5.38 5.20 -29.64
C GLY B 162 -4.85 6.14 -28.58
N LYS B 163 -5.71 6.70 -27.73
CA LYS B 163 -5.32 7.76 -26.80
C LYS B 163 -6.03 7.66 -25.44
N TYR B 164 -7.35 7.53 -25.45
CA TYR B 164 -8.21 7.45 -24.25
C TYR B 164 -8.71 6.03 -23.98
N LEU B 165 -8.51 5.50 -22.78
CA LEU B 165 -9.08 4.21 -22.33
C LEU B 165 -9.69 4.33 -20.94
N VAL B 166 -10.93 3.85 -20.79
CA VAL B 166 -11.59 3.71 -19.47
C VAL B 166 -11.09 2.41 -18.88
N LEU B 167 -10.26 2.43 -17.83
CA LEU B 167 -9.67 1.20 -17.32
C LEU B 167 -10.72 0.34 -16.64
N PRO B 168 -10.55 -0.99 -16.58
CA PRO B 168 -11.59 -1.70 -15.84
C PRO B 168 -11.77 -1.19 -14.40
N SER B 169 -10.73 -0.59 -13.82
CA SER B 169 -10.87 -0.06 -12.47
C SER B 169 -11.61 1.28 -12.43
N GLY B 170 -11.99 1.84 -13.57
CA GLY B 170 -12.79 3.04 -13.59
C GLY B 170 -12.00 4.29 -13.91
N GLU B 171 -10.68 4.28 -13.93
CA GLU B 171 -9.93 5.51 -14.22
C GLU B 171 -9.89 5.78 -15.73
N LEU B 172 -9.71 7.02 -16.15
CA LEU B 172 -9.60 7.24 -17.58
C LEU B 172 -8.10 7.37 -17.75
N HIS B 173 -7.54 6.51 -18.59
CA HIS B 173 -6.16 6.53 -18.98
C HIS B 173 -5.93 7.38 -20.21
N ILE B 174 -4.98 8.31 -20.19
CA ILE B 174 -4.56 9.02 -21.41
C ILE B 174 -3.07 8.92 -21.71
N ARG B 175 -2.81 8.52 -22.97
CA ARG B 175 -1.47 8.38 -23.51
CA ARG B 175 -1.46 8.38 -23.49
C ARG B 175 -0.80 9.68 -23.97
N GLU B 176 0.48 9.84 -23.66
CA GLU B 176 1.32 10.81 -24.33
C GLU B 176 0.79 12.24 -24.28
N VAL B 177 0.54 12.65 -23.06
CA VAL B 177 -0.08 13.95 -22.87
C VAL B 177 0.78 15.06 -23.47
N GLY B 178 0.07 15.92 -24.20
CA GLY B 178 0.67 17.08 -24.84
C GLY B 178 0.00 18.34 -24.31
N PRO B 179 0.64 19.49 -24.57
CA PRO B 179 0.10 20.75 -24.08
C PRO B 179 -1.32 20.99 -24.57
N GLU B 180 -1.62 20.60 -25.81
CA GLU B 180 -2.99 20.71 -26.28
C GLU B 180 -4.00 20.01 -25.37
N ASP B 181 -3.56 18.94 -24.71
CA ASP B 181 -4.37 18.20 -23.76
C ASP B 181 -4.82 18.98 -22.50
N GLY B 182 -4.33 20.20 -22.31
CA GLY B 182 -4.83 21.02 -21.19
C GLY B 182 -6.12 21.81 -21.36
N TYR B 183 -6.72 21.76 -22.55
CA TYR B 183 -7.89 22.55 -22.90
C TYR B 183 -9.10 21.63 -22.92
N LYS B 184 -9.16 20.71 -21.97
CA LYS B 184 -10.20 19.69 -21.92
C LYS B 184 -10.50 19.58 -20.42
N SER B 185 -11.79 19.48 -20.12
CA SER B 185 -12.21 19.26 -18.76
C SER B 185 -13.03 17.96 -18.77
N TYR B 186 -12.93 17.12 -17.76
CA TYR B 186 -13.49 15.78 -17.71
C TYR B 186 -14.43 15.58 -16.52
N GLN B 187 -15.58 14.94 -16.75
CA GLN B 187 -16.41 14.44 -15.66
C GLN B 187 -16.70 12.97 -15.75
N CYS B 188 -16.94 12.36 -14.60
CA CYS B 188 -17.37 10.96 -14.49
C CYS B 188 -18.88 10.86 -14.28
N ARG B 189 -19.44 9.76 -14.77
CA ARG B 189 -20.78 9.31 -14.48
C ARG B 189 -20.60 8.13 -13.54
N THR B 190 -21.37 8.12 -12.46
CA THR B 190 -21.27 7.01 -11.51
C THR B 190 -22.65 6.42 -11.34
N LYS B 191 -22.72 5.15 -10.95
CA LYS B 191 -24.00 4.47 -10.74
C LYS B 191 -24.03 3.77 -9.40
N HIS B 192 -25.13 3.90 -8.66
CA HIS B 192 -25.26 3.29 -7.34
C HIS B 192 -25.95 1.95 -7.51
N ARG B 193 -25.30 0.84 -7.19
CA ARG B 193 -25.89 -0.47 -7.41
C ARG B 193 -27.14 -0.78 -6.58
N LEU B 194 -27.36 -0.07 -5.48
CA LEU B 194 -28.61 -0.32 -4.73
C LEU B 194 -29.84 0.53 -5.09
N THR B 195 -29.68 1.78 -5.49
CA THR B 195 -30.80 2.62 -5.92
C THR B 195 -30.94 2.60 -7.43
N GLY B 196 -29.91 2.14 -8.11
CA GLY B 196 -29.78 2.30 -9.56
C GLY B 196 -29.68 3.72 -10.06
N GLU B 197 -29.63 4.71 -9.18
CA GLU B 197 -29.41 6.09 -9.61
C GLU B 197 -28.06 6.39 -10.27
N THR B 198 -28.04 7.23 -11.31
CA THR B 198 -26.80 7.67 -11.96
C THR B 198 -26.65 9.18 -11.78
N ARG B 199 -25.42 9.66 -11.74
CA ARG B 199 -25.10 11.07 -11.44
C ARG B 199 -23.80 11.37 -12.18
N LEU B 200 -23.53 12.64 -12.45
CA LEU B 200 -22.25 13.12 -12.97
C LEU B 200 -21.47 13.82 -11.87
N SER B 201 -20.14 13.85 -11.96
CA SER B 201 -19.32 14.41 -10.90
C SER B 201 -19.71 15.85 -10.58
N ALA B 202 -19.65 16.19 -9.30
CA ALA B 202 -19.93 17.58 -8.92
C ALA B 202 -18.89 18.55 -9.48
N THR B 203 -17.64 18.12 -9.59
CA THR B 203 -16.55 18.97 -10.07
C THR B 203 -15.97 18.31 -11.31
N LYS B 204 -15.32 19.09 -12.16
CA LYS B 204 -14.68 18.58 -13.38
C LYS B 204 -13.19 18.71 -13.14
N GLY B 205 -12.43 17.86 -13.81
CA GLY B 205 -10.98 17.88 -13.75
C GLY B 205 -10.40 18.31 -15.08
N ARG B 206 -9.13 18.71 -15.01
CA ARG B 206 -8.34 19.05 -16.18
C ARG B 206 -6.95 18.48 -15.96
N LEU B 207 -6.19 18.41 -17.03
CA LEU B 207 -4.76 18.09 -17.00
C LEU B 207 -4.02 19.41 -16.92
N VAL B 208 -3.01 19.45 -16.08
CA VAL B 208 -2.04 20.55 -16.07
C VAL B 208 -0.67 19.99 -16.46
N ILE B 209 -0.13 20.44 -17.59
CA ILE B 209 1.04 19.82 -18.21
C ILE B 209 2.25 20.66 -17.90
N THR B 210 3.30 20.03 -17.39
CA THR B 210 4.55 20.74 -17.15
C THR B 210 5.51 20.45 -18.28
N GLU B 211 6.14 21.51 -18.77
CA GLU B 211 7.08 21.38 -19.86
C GLU B 211 8.42 21.41 -19.18
N PRO B 212 9.04 20.25 -18.97
CA PRO B 212 10.11 20.30 -17.98
C PRO B 212 11.45 20.55 -18.67
N ILE B 213 12.35 21.25 -18.01
CA ILE B 213 13.68 21.41 -18.57
C ILE B 213 14.66 20.40 -18.06
N SER B 214 14.64 20.16 -16.74
CA SER B 214 15.68 19.32 -16.15
C SER B 214 15.04 17.96 -16.36
N SER B 215 15.91 16.96 -16.48
CA SER B 215 15.57 15.55 -16.36
C SER B 215 15.21 15.16 -14.92
N SER B 216 14.43 14.11 -14.79
CA SER B 216 13.91 13.59 -13.53
C SER B 216 13.85 12.07 -13.71
N ALA B 217 14.52 11.31 -12.86
CA ALA B 217 14.22 9.88 -12.81
C ALA B 217 12.71 9.69 -12.51
N PRO B 218 12.12 8.54 -12.83
CA PRO B 218 10.73 8.26 -12.56
C PRO B 218 10.38 8.38 -11.09
N ARG B 219 9.24 9.00 -10.84
CA ARG B 219 8.81 9.20 -9.46
C ARG B 219 7.43 8.61 -9.35
N THR B 220 7.29 7.70 -8.40
CA THR B 220 6.03 7.04 -8.01
C THR B 220 5.55 7.71 -6.71
N PRO B 221 4.23 7.67 -6.44
CA PRO B 221 3.66 8.37 -5.28
C PRO B 221 3.77 7.66 -3.93
N ALA B 222 3.57 8.42 -2.87
CA ALA B 222 3.66 7.81 -1.55
C ALA B 222 2.55 6.77 -1.35
N LEU B 223 1.31 7.06 -1.74
CA LEU B 223 0.22 6.18 -1.36
C LEU B 223 0.13 5.16 -2.48
N VAL B 224 0.15 3.87 -2.19
CA VAL B 224 0.01 2.87 -3.26
C VAL B 224 -1.10 1.86 -3.00
N GLN B 225 -1.55 1.18 -4.05
CA GLN B 225 -2.69 0.27 -3.98
C GLN B 225 -2.46 -0.88 -2.99
N LYS B 226 -3.28 -0.96 -1.96
CA LYS B 226 -3.25 -2.12 -1.06
C LYS B 226 -3.74 -3.42 -1.70
N PRO B 227 -3.50 -4.56 -1.02
CA PRO B 227 -3.82 -5.84 -1.63
C PRO B 227 -5.26 -5.94 -2.11
N LEU B 228 -5.42 -6.52 -3.30
CA LEU B 228 -6.66 -6.52 -4.07
C LEU B 228 -7.23 -7.92 -4.09
N GLU B 229 -8.56 -8.04 -4.04
CA GLU B 229 -9.25 -9.32 -4.09
C GLU B 229 -10.23 -9.24 -5.24
N LEU B 230 -9.97 -10.05 -6.26
CA LEU B 230 -10.75 -10.02 -7.49
C LEU B 230 -11.43 -11.36 -7.65
N MET B 231 -12.70 -11.33 -8.04
CA MET B 231 -13.38 -12.59 -8.32
C MET B 231 -12.83 -13.26 -9.57
N VAL B 232 -12.82 -14.59 -9.54
CA VAL B 232 -12.45 -15.40 -10.70
C VAL B 232 -13.32 -15.00 -11.90
N ALA B 233 -12.74 -15.07 -13.09
CA ALA B 233 -13.51 -14.71 -14.29
C ALA B 233 -13.63 -13.23 -14.58
N HIS B 234 -13.13 -12.36 -13.71
CA HIS B 234 -13.19 -10.92 -13.92
C HIS B 234 -11.98 -10.30 -14.60
N THR B 235 -12.15 -9.09 -15.13
CA THR B 235 -11.01 -8.33 -15.61
C THR B 235 -10.41 -7.44 -14.53
N ILE B 236 -9.09 -7.32 -14.57
CA ILE B 236 -8.32 -6.65 -13.53
C ILE B 236 -7.38 -5.69 -14.23
N SER B 237 -7.16 -4.50 -13.66
CA SER B 237 -6.16 -3.62 -14.25
C SER B 237 -5.24 -3.23 -13.10
N LEU B 238 -3.93 -3.33 -13.29
CA LEU B 238 -3.04 -2.84 -12.24
C LEU B 238 -2.25 -1.67 -12.77
N LEU B 239 -2.11 -0.65 -11.93
CA LEU B 239 -1.60 0.63 -12.36
C LEU B 239 -0.19 0.78 -11.82
N CYS B 240 0.62 1.55 -12.54
CA CYS B 240 1.99 1.91 -12.19
C CYS B 240 2.20 3.40 -12.37
N PRO B 241 1.78 4.16 -11.36
CA PRO B 241 1.80 5.59 -11.54
C PRO B 241 3.23 6.10 -11.33
N ALA B 242 3.68 6.87 -12.32
CA ALA B 242 5.07 7.28 -12.36
C ALA B 242 5.08 8.42 -13.38
N GLN B 243 5.86 9.43 -13.00
CA GLN B 243 6.14 10.54 -13.89
C GLN B 243 7.66 10.71 -13.86
N GLY B 244 8.18 11.13 -15.01
CA GLY B 244 9.60 11.13 -15.30
C GLY B 244 9.91 11.90 -16.56
N PHE B 245 11.12 12.46 -16.64
CA PHE B 245 11.53 13.03 -17.91
C PHE B 245 12.94 12.68 -18.33
N PRO B 246 13.11 12.03 -19.50
CA PRO B 246 12.20 11.53 -20.56
C PRO B 246 11.08 10.78 -19.84
N ALA B 247 9.82 10.77 -20.29
CA ALA B 247 9.00 9.59 -20.52
C ALA B 247 9.67 8.25 -20.28
N PRO B 248 9.22 7.59 -19.20
CA PRO B 248 9.81 6.31 -18.86
C PRO B 248 9.13 5.12 -19.51
N SER B 249 9.82 3.98 -19.50
CA SER B 249 9.20 2.73 -19.89
C SER B 249 8.90 1.85 -18.68
N PHE B 250 8.02 0.87 -18.86
CA PHE B 250 7.44 0.18 -17.72
C PHE B 250 7.50 -1.31 -18.03
N ARG B 251 7.83 -2.12 -17.03
CA ARG B 251 7.90 -3.55 -17.17
C ARG B 251 7.29 -4.27 -15.97
N TRP B 252 6.50 -5.29 -16.28
CA TRP B 252 5.87 -6.09 -15.25
C TRP B 252 6.42 -7.49 -14.99
N TYR B 253 6.65 -7.73 -13.70
CA TYR B 253 7.05 -9.01 -13.16
C TYR B 253 6.09 -9.55 -12.10
N LYS B 254 6.19 -10.84 -11.85
CA LYS B 254 5.46 -11.52 -10.79
C LYS B 254 6.43 -12.39 -10.01
N PHE B 255 6.40 -12.19 -8.70
CA PHE B 255 7.23 -13.00 -7.83
C PHE B 255 6.79 -14.45 -7.78
N ILE B 256 7.82 -15.28 -7.68
CA ILE B 256 7.67 -16.70 -7.43
C ILE B 256 7.36 -16.79 -5.94
N GLU B 257 6.19 -17.38 -5.69
CA GLU B 257 5.50 -17.50 -4.41
C GLU B 257 6.52 -17.87 -3.37
N GLY B 258 6.55 -17.05 -2.32
CA GLY B 258 7.47 -17.24 -1.21
C GLY B 258 8.92 -17.41 -1.61
N THR B 259 9.38 -16.53 -2.49
CA THR B 259 10.81 -16.28 -2.74
C THR B 259 11.02 -14.82 -3.07
N THR B 260 12.28 -14.47 -3.32
CA THR B 260 12.70 -13.11 -3.63
C THR B 260 12.90 -12.94 -5.16
N ARG B 261 12.57 -14.01 -5.89
CA ARG B 261 12.74 -14.13 -7.33
C ARG B 261 11.46 -13.81 -8.10
N LYS B 262 11.61 -13.02 -9.15
CA LYS B 262 10.50 -12.56 -9.96
C LYS B 262 10.59 -13.20 -11.36
N GLN B 263 9.49 -13.21 -12.11
CA GLN B 263 9.58 -13.53 -13.53
C GLN B 263 8.80 -12.50 -14.33
N ALA B 264 9.22 -12.23 -15.56
CA ALA B 264 8.52 -11.28 -16.43
C ALA B 264 7.13 -11.82 -16.71
N VAL B 265 6.18 -10.88 -16.79
CA VAL B 265 4.80 -11.24 -17.07
C VAL B 265 4.68 -11.39 -18.57
N VAL B 266 4.02 -12.44 -19.02
CA VAL B 266 4.03 -12.74 -20.43
C VAL B 266 2.76 -12.15 -21.07
N LEU B 267 2.96 -11.09 -21.86
CA LEU B 267 1.83 -10.35 -22.43
C LEU B 267 1.33 -11.09 -23.65
N ASN B 268 0.01 -11.15 -23.84
CA ASN B 268 -0.61 -11.88 -24.93
C ASN B 268 -2.12 -11.62 -25.04
N ASP B 269 -2.82 -12.41 -25.85
N ASP B 269 -2.85 -12.47 -25.76
CA ASP B 269 -4.28 -12.40 -25.92
CA ASP B 269 -4.27 -12.22 -25.96
C ASP B 269 -5.05 -11.87 -24.69
N ARG B 270 -4.75 -12.52 -23.56
CA ARG B 270 -5.51 -12.40 -22.31
C ARG B 270 -4.78 -11.49 -21.33
N VAL B 271 -3.46 -11.34 -21.41
CA VAL B 271 -2.82 -10.35 -20.53
C VAL B 271 -2.22 -9.25 -21.41
N LYS B 272 -2.61 -8.00 -21.16
CA LYS B 272 -2.11 -6.90 -21.96
C LYS B 272 -1.57 -5.74 -21.12
N GLN B 273 -0.90 -4.81 -21.79
CA GLN B 273 -0.26 -3.66 -21.17
C GLN B 273 -0.45 -2.40 -22.02
N VAL B 274 -1.11 -1.42 -21.40
CA VAL B 274 -1.30 -0.09 -21.93
C VAL B 274 -0.44 0.87 -21.11
N SER B 275 0.57 1.40 -21.78
CA SER B 275 1.60 2.23 -21.18
C SER B 275 2.12 1.45 -19.98
N GLY B 276 1.78 1.88 -18.78
CA GLY B 276 2.26 1.12 -17.65
C GLY B 276 1.21 0.29 -16.95
N THR B 277 0.03 0.16 -17.56
CA THR B 277 -1.08 -0.48 -16.87
C THR B 277 -1.09 -1.91 -17.41
N LEU B 278 -1.14 -2.89 -16.51
CA LEU B 278 -1.33 -4.30 -16.83
C LEU B 278 -2.82 -4.68 -16.86
N ILE B 279 -3.32 -5.30 -17.93
CA ILE B 279 -4.72 -5.70 -17.94
C ILE B 279 -4.75 -7.20 -17.97
N ILE B 280 -5.31 -7.82 -16.94
CA ILE B 280 -5.56 -9.26 -16.90
C ILE B 280 -7.04 -9.61 -17.15
N LYS B 281 -7.36 -10.08 -18.34
CA LYS B 281 -8.72 -10.56 -18.59
C LYS B 281 -8.94 -11.95 -18.04
N ASP B 282 -10.21 -12.32 -17.87
CA ASP B 282 -10.67 -13.63 -17.44
C ASP B 282 -9.77 -14.26 -16.39
N ALA B 283 -9.72 -13.61 -15.23
CA ALA B 283 -8.82 -13.98 -14.13
C ALA B 283 -9.10 -15.37 -13.60
N VAL B 284 -8.02 -16.15 -13.52
CA VAL B 284 -7.97 -17.37 -12.72
C VAL B 284 -7.16 -17.21 -11.42
N VAL B 285 -7.49 -18.06 -10.46
CA VAL B 285 -6.85 -18.21 -9.17
C VAL B 285 -5.33 -18.19 -9.20
N GLU B 286 -4.81 -18.87 -10.23
CA GLU B 286 -3.38 -18.87 -10.51
C GLU B 286 -2.80 -17.49 -10.80
N ASP B 287 -3.60 -16.47 -11.11
CA ASP B 287 -3.07 -15.14 -11.38
C ASP B 287 -2.66 -14.39 -10.12
N SER B 288 -3.28 -14.78 -9.01
CA SER B 288 -2.86 -14.37 -7.68
C SER B 288 -1.35 -14.37 -7.57
N GLY B 289 -0.83 -13.36 -6.88
CA GLY B 289 0.58 -13.26 -6.53
C GLY B 289 1.00 -11.84 -6.18
N LYS B 290 2.28 -11.67 -5.87
CA LYS B 290 2.94 -10.36 -5.72
C LYS B 290 3.51 -9.91 -7.06
N TYR B 291 2.99 -8.79 -7.57
CA TYR B 291 3.48 -8.20 -8.82
C TYR B 291 4.32 -6.97 -8.53
N LEU B 292 5.20 -6.68 -9.48
CA LEU B 292 6.23 -5.65 -9.41
C LEU B 292 6.30 -4.93 -10.76
N CYS B 293 6.07 -3.61 -10.71
CA CYS B 293 6.33 -2.76 -11.84
C CYS B 293 7.66 -2.07 -11.66
N VAL B 294 8.53 -2.33 -12.65
CA VAL B 294 9.75 -1.57 -12.82
C VAL B 294 9.57 -0.45 -13.83
N VAL B 295 10.04 0.73 -13.40
CA VAL B 295 10.00 1.93 -14.22
C VAL B 295 11.28 2.75 -14.41
N ASN B 296 11.42 3.14 -15.68
CA ASN B 296 12.65 3.58 -16.29
C ASN B 296 12.76 4.61 -17.39
N ASN B 297 14.00 4.97 -17.67
CA ASN B 297 14.39 6.28 -18.18
CA ASN B 297 14.39 6.28 -18.19
C ASN B 297 15.90 6.41 -18.08
N SER B 298 16.48 7.26 -18.90
CA SER B 298 17.93 7.42 -18.88
C SER B 298 18.53 7.98 -17.59
N VAL B 299 17.70 8.54 -16.71
CA VAL B 299 18.17 9.02 -15.41
C VAL B 299 18.23 8.03 -14.24
N GLY B 300 17.26 7.16 -14.04
CA GLY B 300 17.34 6.16 -12.99
C GLY B 300 16.04 5.41 -12.92
N GLY B 301 15.60 4.68 -11.91
CA GLY B 301 14.20 4.33 -11.86
C GLY B 301 13.59 3.91 -10.56
N GLU B 302 12.37 3.41 -10.64
CA GLU B 302 11.60 3.10 -9.44
C GLU B 302 10.73 1.86 -9.66
N SER B 303 9.94 1.54 -8.65
CA SER B 303 9.03 0.40 -8.64
C SER B 303 7.93 0.42 -7.56
N VAL B 304 6.87 -0.34 -7.83
CA VAL B 304 5.64 -0.48 -7.06
C VAL B 304 5.29 -1.96 -7.07
N GLU B 305 5.26 -2.59 -5.89
CA GLU B 305 4.77 -3.95 -5.66
C GLU B 305 3.29 -3.83 -5.41
N THR B 306 2.49 -4.69 -6.03
CA THR B 306 1.08 -4.87 -5.69
C THR B 306 0.75 -6.36 -5.64
N VAL B 307 -0.01 -6.75 -4.62
CA VAL B 307 -0.47 -8.12 -4.35
C VAL B 307 -1.91 -8.24 -4.87
N LEU B 308 -2.18 -9.33 -5.60
CA LEU B 308 -3.49 -9.59 -6.16
C LEU B 308 -3.86 -10.98 -5.65
N THR B 309 -5.07 -11.11 -5.15
CA THR B 309 -5.72 -12.39 -4.92
C THR B 309 -6.96 -12.52 -5.79
N VAL B 310 -7.01 -13.56 -6.60
CA VAL B 310 -8.20 -13.86 -7.40
C VAL B 310 -8.91 -14.91 -6.56
N THR B 311 -10.17 -14.60 -6.24
CA THR B 311 -10.94 -15.36 -5.27
C THR B 311 -11.88 -16.33 -5.96
N ALA B 312 -12.12 -17.46 -5.32
CA ALA B 312 -13.02 -18.48 -5.87
C ALA B 312 -14.02 -18.90 -4.81
N PRO B 313 -15.29 -19.09 -5.21
CA PRO B 313 -16.35 -19.44 -4.27
C PRO B 313 -16.03 -20.68 -3.45
N LEU B 314 -16.30 -20.57 -2.16
CA LEU B 314 -16.07 -21.65 -1.20
C LEU B 314 -17.28 -22.56 -1.20
N SER B 315 -17.01 -23.86 -1.22
CA SER B 315 -18.00 -24.92 -1.07
C SER B 315 -17.36 -26.09 -0.34
N ALA B 316 -18.12 -26.74 0.53
CA ALA B 316 -17.59 -27.77 1.41
C ALA B 316 -18.47 -29.00 1.22
N LYS B 317 -18.00 -30.14 1.72
CA LYS B 317 -18.60 -31.43 1.41
C LYS B 317 -17.98 -32.33 2.46
N ILE B 318 -18.76 -33.19 3.08
CA ILE B 318 -18.20 -34.20 3.99
C ILE B 318 -18.33 -35.62 3.44
N ASP B 319 -17.31 -36.42 3.75
CA ASP B 319 -17.31 -37.86 3.50
C ASP B 319 -17.41 -38.58 4.85
N PRO B 320 -18.41 -39.46 4.99
CA PRO B 320 -19.63 -39.63 4.21
C PRO B 320 -20.59 -38.57 4.74
N PRO B 321 -21.64 -38.19 4.02
CA PRO B 321 -23.06 -38.10 4.28
C PRO B 321 -23.55 -38.62 5.64
N THR B 322 -23.25 -39.88 5.92
CA THR B 322 -23.74 -40.50 7.14
C THR B 322 -23.05 -41.85 7.36
N GLN B 323 -22.80 -42.14 8.63
CA GLN B 323 -22.23 -43.40 9.07
C GLN B 323 -22.91 -43.85 10.36
N THR B 324 -22.93 -45.17 10.58
CA THR B 324 -23.39 -45.76 11.81
C THR B 324 -22.18 -46.41 12.47
N VAL B 325 -21.97 -46.14 13.76
CA VAL B 325 -20.77 -46.64 14.45
C VAL B 325 -21.14 -47.26 15.80
N ASP B 326 -20.53 -48.41 16.09
CA ASP B 326 -20.75 -49.09 17.37
C ASP B 326 -19.94 -48.39 18.46
N PHE B 327 -20.20 -48.73 19.72
CA PHE B 327 -19.63 -47.95 20.81
C PHE B 327 -18.16 -48.33 20.95
N GLY B 328 -17.35 -47.38 21.39
CA GLY B 328 -15.90 -47.58 21.44
C GLY B 328 -15.17 -47.80 20.12
N ARG B 329 -15.86 -47.77 18.98
CA ARG B 329 -15.22 -47.70 17.67
C ARG B 329 -15.20 -46.26 17.14
N PRO B 330 -14.08 -45.83 16.54
CA PRO B 330 -13.92 -44.44 16.12
C PRO B 330 -14.79 -43.97 14.95
N ALA B 331 -15.12 -42.69 14.94
CA ALA B 331 -15.87 -42.09 13.83
C ALA B 331 -14.97 -41.05 13.19
N VAL B 332 -15.23 -40.78 11.90
CA VAL B 332 -14.28 -40.12 11.00
C VAL B 332 -15.03 -39.25 9.99
N PHE B 333 -14.81 -37.94 10.06
CA PHE B 333 -15.43 -37.01 9.13
C PHE B 333 -14.34 -36.20 8.43
N THR B 334 -14.44 -36.08 7.11
CA THR B 334 -13.45 -35.39 6.31
C THR B 334 -14.07 -34.35 5.37
N CYS B 335 -13.70 -33.11 5.61
CA CYS B 335 -14.17 -31.97 4.83
C CYS B 335 -13.36 -31.77 3.55
N GLN B 336 -14.08 -31.75 2.42
CA GLN B 336 -13.48 -31.52 1.11
C GLN B 336 -14.00 -30.17 0.63
N TYR B 337 -13.12 -29.18 0.69
CA TYR B 337 -13.48 -27.82 0.31
C TYR B 337 -12.74 -27.36 -0.95
N THR B 338 -13.38 -26.41 -1.65
CA THR B 338 -12.83 -25.78 -2.84
C THR B 338 -12.94 -24.28 -2.60
N GLY B 339 -12.23 -23.45 -3.35
CA GLY B 339 -12.30 -21.99 -3.21
C GLY B 339 -10.99 -21.31 -2.92
N ASN B 340 -10.97 -19.97 -2.87
CA ASN B 340 -9.75 -19.19 -2.69
C ASN B 340 -9.94 -17.80 -2.10
N PRO B 341 -9.28 -17.43 -1.01
CA PRO B 341 -8.42 -18.19 -0.08
C PRO B 341 -9.46 -19.03 0.61
N ILE B 342 -9.14 -20.21 1.14
CA ILE B 342 -9.19 -20.55 2.57
C ILE B 342 -8.32 -19.91 3.65
N LYS B 343 -8.93 -19.18 4.57
CA LYS B 343 -8.24 -18.72 5.75
C LYS B 343 -8.35 -19.72 6.90
N THR B 344 -9.55 -20.27 7.11
CA THR B 344 -9.78 -21.19 8.23
C THR B 344 -10.90 -22.22 8.10
N VAL B 345 -10.70 -23.35 8.76
CA VAL B 345 -11.67 -24.44 8.86
C VAL B 345 -12.12 -24.55 10.30
N SER B 346 -13.41 -24.79 10.53
CA SER B 346 -13.86 -25.21 11.85
C SER B 346 -15.09 -26.11 11.85
N TRP B 347 -15.37 -26.68 13.03
CA TRP B 347 -16.35 -27.75 13.21
C TRP B 347 -17.34 -27.37 14.30
N MET B 348 -18.55 -27.89 14.15
CA MET B 348 -19.59 -27.80 15.18
C MET B 348 -20.23 -29.16 15.38
N LYS B 349 -20.82 -29.39 16.55
CA LYS B 349 -21.70 -30.54 16.76
C LYS B 349 -23.02 -30.09 17.38
N ASP B 350 -24.11 -30.25 16.62
CA ASP B 350 -25.45 -29.86 17.03
C ASP B 350 -25.51 -28.38 17.36
N GLY B 351 -24.97 -27.60 16.42
CA GLY B 351 -24.93 -26.13 16.53
C GLY B 351 -23.91 -25.44 17.43
N LYS B 352 -23.06 -26.21 18.10
CA LYS B 352 -22.08 -25.67 19.04
C LYS B 352 -20.68 -25.92 18.47
N ALA B 353 -19.76 -25.01 18.76
CA ALA B 353 -18.38 -25.14 18.26
C ALA B 353 -17.69 -26.22 19.08
N ILE B 354 -16.89 -27.07 18.43
CA ILE B 354 -16.19 -28.14 19.13
C ILE B 354 -14.71 -27.83 19.37
N GLY B 355 -14.23 -26.70 18.84
CA GLY B 355 -12.82 -26.32 18.92
C GLY B 355 -11.87 -27.32 18.28
N HIS B 356 -11.82 -27.32 16.96
CA HIS B 356 -11.06 -28.29 16.18
C HIS B 356 -11.05 -27.71 14.77
N SER B 357 -9.85 -27.46 14.24
CA SER B 357 -9.75 -26.65 13.03
C SER B 357 -9.02 -27.39 11.90
N GLU B 358 -9.08 -28.72 11.94
CA GLU B 358 -8.39 -29.53 10.94
C GLU B 358 -9.46 -30.11 10.01
N SER B 359 -9.14 -30.29 8.74
CA SER B 359 -10.13 -30.80 7.78
C SER B 359 -10.84 -32.11 8.11
N VAL B 360 -10.22 -32.97 8.91
CA VAL B 360 -10.71 -34.32 9.20
C VAL B 360 -10.93 -34.44 10.71
N LEU B 361 -12.14 -34.85 11.10
CA LEU B 361 -12.48 -34.97 12.51
C LEU B 361 -12.54 -36.42 12.93
N ARG B 362 -12.01 -36.71 14.11
CA ARG B 362 -12.00 -38.07 14.62
C ARG B 362 -12.46 -38.13 16.08
N ILE B 363 -13.54 -38.89 16.32
CA ILE B 363 -13.92 -39.29 17.67
C ILE B 363 -13.27 -40.63 17.92
N GLU B 364 -12.46 -40.66 18.97
N GLU B 364 -12.39 -40.63 18.91
CA GLU B 364 -11.64 -41.83 19.26
CA GLU B 364 -11.64 -41.80 19.35
C GLU B 364 -12.51 -43.03 19.60
N SER B 365 -13.65 -42.80 20.26
CA SER B 365 -14.48 -43.88 20.79
C SER B 365 -15.88 -43.34 21.08
N VAL B 366 -16.82 -43.69 20.22
CA VAL B 366 -18.19 -43.16 20.22
C VAL B 366 -19.04 -43.54 21.44
N LYS B 367 -19.51 -42.49 22.12
CA LYS B 367 -20.34 -42.61 23.31
C LYS B 367 -21.77 -42.22 22.95
N LYS B 368 -22.64 -42.19 23.96
CA LYS B 368 -24.06 -41.93 23.75
C LYS B 368 -24.25 -40.52 23.19
N GLU B 369 -23.52 -39.56 23.75
CA GLU B 369 -23.76 -38.14 23.46
C GLU B 369 -23.19 -37.69 22.10
N ASP B 370 -22.36 -38.53 21.49
CA ASP B 370 -21.71 -38.19 20.23
C ASP B 370 -22.64 -38.34 19.03
N LYS B 371 -23.73 -39.09 19.19
CA LYS B 371 -24.81 -39.14 18.20
C LYS B 371 -25.31 -37.76 17.81
N GLY B 372 -25.49 -37.55 16.50
CA GLY B 372 -26.07 -36.30 16.00
C GLY B 372 -25.36 -35.70 14.81
N MET B 373 -25.63 -34.42 14.56
CA MET B 373 -25.07 -33.69 13.42
C MET B 373 -23.74 -32.98 13.67
N TYR B 374 -22.88 -33.06 12.66
CA TYR B 374 -21.53 -32.52 12.65
C TYR B 374 -21.37 -31.68 11.38
N GLN B 375 -20.68 -30.55 11.52
CA GLN B 375 -20.57 -29.54 10.47
C GLN B 375 -19.15 -29.00 10.38
N CYS B 376 -18.72 -28.89 9.13
CA CYS B 376 -17.46 -28.23 8.82
C CYS B 376 -17.88 -26.85 8.32
N PHE B 377 -17.13 -25.83 8.72
CA PHE B 377 -17.18 -24.47 8.16
C PHE B 377 -15.84 -24.01 7.63
N VAL B 378 -15.86 -23.56 6.38
CA VAL B 378 -14.68 -23.08 5.69
C VAL B 378 -14.90 -21.60 5.38
N ARG B 379 -14.01 -20.73 5.89
CA ARG B 379 -14.12 -19.29 5.66
C ARG B 379 -12.85 -18.56 5.21
N ASN B 380 -13.08 -17.47 4.46
CA ASN B 380 -12.08 -16.41 4.27
C ASN B 380 -12.60 -15.09 4.84
N ASP B 381 -12.05 -13.97 4.38
CA ASP B 381 -12.43 -12.63 4.77
C ASP B 381 -13.84 -12.26 4.30
N ARG B 382 -14.23 -12.70 3.11
CA ARG B 382 -15.45 -12.18 2.52
C ARG B 382 -16.53 -13.26 2.49
N GLU B 383 -16.17 -14.50 2.76
CA GLU B 383 -17.05 -15.61 2.44
C GLU B 383 -16.98 -16.79 3.41
N SER B 384 -18.06 -17.58 3.44
CA SER B 384 -18.18 -18.84 4.16
C SER B 384 -19.03 -19.88 3.43
N ALA B 385 -18.80 -21.14 3.85
CA ALA B 385 -19.33 -22.36 3.26
C ALA B 385 -19.43 -23.40 4.38
N GLU B 386 -20.56 -24.12 4.47
CA GLU B 386 -20.68 -25.25 5.38
C GLU B 386 -21.03 -26.59 4.73
N ALA B 387 -20.68 -27.64 5.46
CA ALA B 387 -20.98 -29.01 5.07
C ALA B 387 -21.57 -29.65 6.32
N SER B 388 -22.44 -30.64 6.11
CA SER B 388 -22.88 -31.48 7.21
C SER B 388 -22.85 -32.96 6.88
N ALA B 389 -22.93 -33.72 7.96
CA ALA B 389 -22.84 -35.17 7.99
C ALA B 389 -23.47 -35.63 9.30
N GLU B 390 -23.91 -36.89 9.26
CA GLU B 390 -24.82 -37.49 10.24
C GLU B 390 -24.07 -38.67 10.86
N LEU B 391 -23.87 -38.63 12.18
CA LEU B 391 -23.36 -39.77 12.95
C LEU B 391 -24.44 -40.54 13.73
N LYS B 392 -24.62 -41.82 13.44
CA LYS B 392 -25.59 -42.63 14.14
C LYS B 392 -24.89 -43.65 15.03
N LEU B 393 -25.60 -44.12 16.06
CA LEU B 393 -25.11 -45.21 16.92
C LEU B 393 -25.58 -46.55 16.39
N GLY B 394 -24.69 -47.55 16.45
CA GLY B 394 -25.02 -48.93 16.08
C GLY B 394 -25.47 -49.77 17.26
C1 NAG C . 17.90 29.31 -14.12
C2 NAG C . 18.37 30.71 -14.53
C3 NAG C . 17.38 31.81 -14.19
C4 NAG C . 16.03 31.56 -14.86
C5 NAG C . 15.66 30.14 -14.43
C6 NAG C . 14.32 29.70 -15.00
C7 NAG C . 20.72 31.46 -14.23
C8 NAG C . 20.80 31.64 -15.71
N2 NAG C . 19.56 31.03 -13.75
O3 NAG C . 17.94 33.08 -14.49
O4 NAG C . 15.05 32.41 -14.30
O5 NAG C . 16.63 29.14 -14.70
O6 NAG C . 14.43 29.48 -16.39
O7 NAG C . 21.67 31.71 -13.48
C1 NAG C . 14.19 33.20 -15.15
C2 NAG C . 12.75 33.28 -14.65
C3 NAG C . 11.93 34.47 -15.13
C4 NAG C . 12.76 35.75 -15.28
C5 NAG C . 14.11 35.45 -15.94
C6 NAG C . 14.97 36.71 -15.98
C7 NAG C . 11.28 31.35 -14.13
C8 NAG C . 10.13 30.55 -14.70
N2 NAG C . 11.92 32.13 -15.01
O3 NAG C . 10.86 34.73 -14.23
O4 NAG C . 12.03 36.77 -15.92
O5 NAG C . 14.80 34.47 -15.19
O6 NAG C . 16.33 36.41 -16.20
O7 NAG C . 11.58 31.21 -12.95
C1 NAG D . -11.92 -4.83 15.80
C2 NAG D . -12.33 -6.08 16.57
C3 NAG D . -11.51 -7.33 16.25
C4 NAG D . -11.28 -7.50 14.75
C5 NAG D . -11.18 -6.20 13.94
C6 NAG D . -11.62 -6.47 12.51
C7 NAG D . -13.29 -6.50 18.77
C8 NAG D . -12.67 -7.58 19.61
N2 NAG D . -12.46 -5.79 17.99
O3 NAG D . -12.16 -8.54 16.60
O4 NAG D . -10.10 -8.27 14.61
O5 NAG D . -11.92 -5.10 14.41
O6 NAG D . -10.53 -6.07 11.71
O7 NAG D . -14.49 -6.28 18.80
C1 NAG D . -10.34 -9.48 13.87
C2 NAG D . -9.04 -10.02 13.30
C3 NAG D . -9.34 -11.30 12.53
C4 NAG D . -9.99 -12.28 13.50
C5 NAG D . -11.26 -11.66 14.06
C6 NAG D . -11.97 -12.62 15.03
C7 NAG D . -7.08 -8.66 12.90
C8 NAG D . -5.86 -9.46 12.51
N2 NAG D . -8.27 -9.10 12.49
O3 NAG D . -8.12 -11.75 11.98
O4 NAG D . -10.20 -13.59 12.98
O5 NAG D . -10.94 -10.45 14.70
O6 NAG D . -13.12 -12.06 15.60
O7 NAG D . -6.98 -7.65 13.59
C1 NAG E . -35.84 5.44 2.00
C2 NAG E . -37.33 5.71 1.85
C3 NAG E . -37.56 6.67 0.68
C4 NAG E . -36.77 7.95 0.94
C5 NAG E . -35.35 7.63 1.43
C6 NAG E . -34.66 8.88 1.96
C7 NAG E . -39.30 4.29 2.07
C8 NAG E . -40.02 5.39 2.78
N2 NAG E . -38.04 4.46 1.70
O3 NAG E . -38.95 6.87 0.53
O4 NAG E . -36.67 8.77 -0.22
O5 NAG E . -35.29 6.66 2.46
O6 NAG E . -35.24 9.34 3.15
O7 NAG E . -39.88 3.25 1.79
C1 NAG E . -37.11 10.13 -0.01
C2 NAG E . -36.51 11.10 -1.03
C3 NAG E . -37.05 12.53 -0.87
C4 NAG E . -38.56 12.54 -0.73
C5 NAG E . -39.03 11.49 0.28
C6 NAG E . -40.56 11.40 0.28
C7 NAG E . -34.19 10.36 -1.35
C8 NAG E . -32.82 10.53 -0.73
N2 NAG E . -35.07 11.26 -0.92
O3 NAG E . -36.68 13.39 -1.92
O4 NAG E . -38.94 13.86 -0.42
O5 NAG E . -38.53 10.22 -0.06
O6 NAG E . -40.96 10.17 0.86
O7 NAG E . -34.47 9.48 -2.16
C1 NAG F . 15.23 4.22 -15.22
C2 NAG F . 16.66 3.63 -15.45
C3 NAG F . 17.20 2.38 -14.72
C4 NAG F . 16.39 1.62 -13.64
C5 NAG F . 15.04 2.30 -13.42
C6 NAG F . 14.85 1.94 -11.94
C7 NAG F . 17.48 2.50 -17.58
C8 NAG F . 16.48 1.87 -18.52
N2 NAG F . 17.12 3.57 -16.84
O3 NAG F . 18.44 2.66 -14.09
O4 NAG F . 16.16 0.21 -13.60
O5 NAG F . 14.91 3.65 -13.93
O6 NAG F . 14.85 0.57 -11.57
O7 NAG F . 18.59 1.98 -17.57
C1 NAG F . 17.14 -0.52 -12.81
C2 NAG F . 16.85 -1.33 -11.52
C3 NAG F . 18.20 -1.71 -10.91
C4 NAG F . 19.05 -2.50 -11.89
C5 NAG F . 18.97 -1.96 -13.33
C6 NAG F . 19.31 -3.04 -14.36
C7 NAG F . 16.29 -0.98 -9.16
C8 NAG F . 16.33 0.23 -8.27
N2 NAG F . 15.99 -0.82 -10.46
O3 NAG F . 18.14 -2.47 -9.72
O4 NAG F . 20.37 -2.56 -11.38
O5 NAG F . 17.70 -1.47 -13.68
O6 NAG F . 20.56 -3.67 -14.09
O7 NAG F . 16.52 -2.07 -8.60
#